data_3EPN
#
_entry.id   3EPN
#
_cell.length_a   62.603
_cell.length_b   102.738
_cell.length_c   82.635
_cell.angle_alpha   90.000
_cell.angle_beta   102.050
_cell.angle_gamma   90.000
#
_symmetry.space_group_name_H-M   'P 1 21 1'
#
loop_
_entity.id
_entity.type
_entity.pdbx_description
1 polymer 'Thiamine biosynthesis protein thiC'
2 non-polymer 1-(5-O-phosphono-beta-D-ribofuranosyl)-1H-imidazole
3 water water
#
_entity_poly.entity_id   1
_entity_poly.type   'polypeptide(L)'
_entity_poly.pdbx_seq_one_letter_code
;MNIQSTIKAVAETISTGPIPGSRKVYQAGELFPELRVPFREVAVHPSANEPPVTIYDPSGPYSDPAIQIDIEKGLPRTRE
ALVVARGDVEEVADPRQVKPEDNGFAQGKHLAPEFPDTGRKIYRAKPGKLVTQLEYARAGIITAEMEYVAIRENLRREQD
RPCVRDGEDFGASIPDFVTPEFVRQEIARGRAIIPANINHGELEPMAIGRNFLVKINANIGNSAVLSTVADEVDKLVWAT
RWGADTVMDLSTGRNIHNIRDWIIRNSSVPIGTVPIYQALEKVNGVAEDLNWEVFRDTLIEQCEQGVDYFTIHAGVRLPF
IPMTAKRVTGIVSRGGSIMAKWCLAHHKENFLYERFDEICEIMRAYDVSFSLGDGLRPGSTADANDEAQFSELRTLGELT
KVAWKHGVQVMIEGPGHVAMHKIKANMDEQLKHCHEAPFYTLGPLTTDIAPGYDHITSAIGAAMIGWFGTAMLCYVTPKE
HLGLPDRDDVKTGVITYKLAAHAADLAKGHPGAAMWDDAISRARFEFRWEDQFNLGLDPETARKFHDETLPKEAHKTAHF
CSMCGPKFCSMKISQEVRDFAAGKAPNSAELGMAEMSEKFREQGSEIYLKTE
;
_entity_poly.pdbx_strand_id   A,B
#
# COMPACT_ATOMS: atom_id res chain seq x y z
N SER A 5 36.57 -14.70 -15.48
CA SER A 5 35.87 -15.73 -14.71
C SER A 5 34.64 -15.18 -13.98
N THR A 6 34.84 -14.09 -13.24
CA THR A 6 33.72 -13.38 -12.64
C THR A 6 32.78 -13.01 -13.77
N ILE A 7 33.39 -12.70 -14.91
CA ILE A 7 32.67 -12.26 -16.10
C ILE A 7 31.70 -13.32 -16.62
N LYS A 8 32.08 -14.59 -16.50
CA LYS A 8 31.20 -15.68 -16.89
C LYS A 8 30.07 -15.79 -15.87
N ALA A 9 30.42 -15.71 -14.60
CA ALA A 9 29.43 -15.71 -13.53
C ALA A 9 28.36 -14.66 -13.80
N VAL A 10 28.82 -13.45 -14.12
CA VAL A 10 27.92 -12.33 -14.37
C VAL A 10 27.07 -12.56 -15.62
N ALA A 11 27.73 -12.70 -16.76
CA ALA A 11 27.07 -12.80 -18.05
C ALA A 11 26.05 -13.94 -18.13
N GLU A 12 26.15 -14.90 -17.21
CA GLU A 12 25.24 -16.04 -17.21
C GLU A 12 24.02 -15.81 -16.33
N THR A 13 24.21 -15.04 -15.26
CA THR A 13 23.18 -14.83 -14.25
C THR A 13 22.18 -13.72 -14.58
N ILE A 14 22.66 -12.68 -15.27
CA ILE A 14 21.84 -11.50 -15.50
C ILE A 14 20.72 -11.76 -16.52
N SER A 15 19.58 -11.11 -16.30
CA SER A 15 18.43 -11.25 -17.19
C SER A 15 18.43 -10.16 -18.25
N THR A 16 18.47 -10.57 -19.51
CA THR A 16 18.55 -9.63 -20.61
C THR A 16 17.45 -9.89 -21.64
N GLY A 17 17.27 -8.96 -22.57
CA GLY A 17 16.38 -9.18 -23.69
C GLY A 17 15.03 -8.52 -23.48
N PRO A 18 14.20 -8.53 -24.53
CA PRO A 18 12.88 -7.89 -24.49
C PRO A 18 12.12 -8.21 -23.22
N ILE A 19 11.52 -7.17 -22.64
CA ILE A 19 10.64 -7.34 -21.50
C ILE A 19 9.32 -7.89 -22.04
N PRO A 20 8.95 -9.09 -21.57
CA PRO A 20 7.82 -9.86 -22.10
C PRO A 20 6.63 -8.98 -22.46
N GLY A 21 6.24 -9.00 -23.73
CA GLY A 21 5.07 -8.27 -24.18
C GLY A 21 5.37 -6.89 -24.74
N SER A 22 6.65 -6.52 -24.79
CA SER A 22 7.02 -5.16 -25.21
C SER A 22 8.32 -5.12 -26.01
N ARG A 23 8.56 -4.01 -26.67
CA ARG A 23 9.80 -3.82 -27.42
C ARG A 23 10.41 -2.44 -27.27
N LYS A 24 11.72 -2.41 -27.11
CA LYS A 24 12.46 -1.17 -26.97
C LYS A 24 12.18 -0.32 -28.18
N VAL A 25 11.82 0.94 -27.95
CA VAL A 25 11.71 1.90 -29.04
C VAL A 25 12.41 3.17 -28.66
N TYR A 26 12.85 3.92 -29.66
CA TYR A 26 13.64 5.13 -29.40
C TYR A 26 13.01 6.36 -30.06
N GLN A 27 13.21 7.51 -29.44
CA GLN A 27 12.85 8.77 -30.08
C GLN A 27 14.14 9.59 -30.24
N ALA A 28 14.39 10.08 -31.45
CA ALA A 28 15.62 10.80 -31.74
C ALA A 28 15.54 12.25 -31.28
N GLY A 29 16.66 12.78 -30.75
CA GLY A 29 16.73 14.19 -30.39
C GLY A 29 16.70 15.07 -31.62
N GLU A 30 16.36 16.35 -31.42
CA GLU A 30 16.25 17.30 -32.52
C GLU A 30 17.20 18.48 -32.30
N LEU A 31 17.27 18.96 -31.06
CA LEU A 31 18.28 19.93 -30.68
C LEU A 31 19.66 19.26 -30.76
N PHE A 32 19.72 18.01 -30.31
CA PHE A 32 20.91 17.19 -30.40
C PHE A 32 20.54 15.90 -31.16
N PRO A 33 20.71 15.93 -32.49
CA PRO A 33 20.13 14.92 -33.38
C PRO A 33 20.65 13.50 -33.16
N GLU A 34 21.74 13.35 -32.42
CA GLU A 34 22.30 12.02 -32.22
C GLU A 34 21.75 11.34 -30.97
N LEU A 35 20.99 12.08 -30.16
CA LEU A 35 20.36 11.47 -28.98
C LEU A 35 19.36 10.39 -29.41
N ARG A 36 19.33 9.29 -28.68
CA ARG A 36 18.33 8.23 -28.88
C ARG A 36 17.71 8.00 -27.52
N VAL A 37 16.47 8.45 -27.32
CA VAL A 37 15.84 8.39 -26.01
C VAL A 37 14.96 7.15 -25.93
N PRO A 38 15.14 6.32 -24.90
CA PRO A 38 14.45 5.02 -24.92
C PRO A 38 13.09 5.01 -24.24
N PHE A 39 12.19 4.21 -24.80
CA PHE A 39 10.96 3.82 -24.13
C PHE A 39 10.81 2.31 -24.38
N ARG A 40 9.78 1.70 -23.81
CA ARG A 40 9.34 0.41 -24.33
C ARG A 40 7.88 0.52 -24.76
N GLU A 41 7.49 -0.29 -25.73
CA GLU A 41 6.17 -0.16 -26.33
C GLU A 41 5.44 -1.49 -26.31
N VAL A 42 4.17 -1.45 -25.97
CA VAL A 42 3.33 -2.63 -25.93
C VAL A 42 2.23 -2.46 -26.97
N ALA A 43 2.26 -3.28 -28.01
CA ALA A 43 1.20 -3.28 -29.00
C ALA A 43 0.06 -4.14 -28.44
N VAL A 44 -1.18 -3.75 -28.71
CA VAL A 44 -2.32 -4.57 -28.32
C VAL A 44 -2.94 -5.21 -29.57
N HIS A 45 -3.87 -6.13 -29.35
CA HIS A 45 -4.55 -6.84 -30.45
C HIS A 45 -5.05 -5.89 -31.52
N PRO A 46 -4.84 -6.26 -32.79
CA PRO A 46 -5.25 -5.44 -33.95
C PRO A 46 -6.74 -5.17 -33.96
N SER A 47 -7.55 -6.11 -33.45
CA SER A 47 -9.01 -5.94 -33.46
C SER A 47 -9.48 -4.84 -32.49
N ALA A 48 -8.54 -4.32 -31.71
CA ALA A 48 -8.83 -3.24 -30.77
C ALA A 48 -8.70 -1.88 -31.43
N ASN A 49 -7.97 -1.83 -32.55
CA ASN A 49 -7.77 -0.59 -33.28
C ASN A 49 -7.21 0.50 -32.38
N GLU A 50 -6.14 0.17 -31.65
CA GLU A 50 -5.50 1.12 -30.76
C GLU A 50 -4.01 1.21 -31.03
N PRO A 51 -3.43 2.42 -30.89
CA PRO A 51 -1.99 2.59 -31.04
C PRO A 51 -1.26 1.86 -29.92
N PRO A 52 -0.02 1.41 -30.17
CA PRO A 52 0.74 0.82 -29.05
C PRO A 52 0.77 1.79 -27.88
N VAL A 53 1.00 1.26 -26.68
CA VAL A 53 1.08 2.08 -25.48
C VAL A 53 2.54 2.33 -25.14
N THR A 54 2.93 3.60 -25.01
CA THR A 54 4.31 3.95 -24.70
C THR A 54 4.56 3.95 -23.19
N ILE A 55 5.56 3.19 -22.73
CA ILE A 55 5.90 3.10 -21.30
C ILE A 55 7.34 3.55 -20.94
N TYR A 56 7.46 4.36 -19.89
CA TYR A 56 8.77 4.83 -19.42
C TYR A 56 9.64 3.64 -19.06
N ASP A 57 10.88 3.64 -19.53
CA ASP A 57 11.71 2.43 -19.49
C ASP A 57 13.14 2.71 -19.05
N PRO A 58 13.49 2.36 -17.80
CA PRO A 58 14.85 2.54 -17.32
C PRO A 58 15.73 1.29 -17.45
N SER A 59 15.22 0.24 -18.08
CA SER A 59 15.93 -1.04 -18.18
C SER A 59 17.27 -0.92 -18.93
N GLY A 60 17.41 0.12 -19.76
CA GLY A 60 18.66 0.34 -20.47
C GLY A 60 18.87 -0.64 -21.61
N PRO A 61 20.11 -0.72 -22.11
CA PRO A 61 20.44 -1.55 -23.27
C PRO A 61 20.27 -3.05 -23.05
N TYR A 62 20.15 -3.48 -21.80
CA TYR A 62 19.95 -4.90 -21.49
C TYR A 62 18.72 -5.51 -22.15
N SER A 63 17.74 -4.68 -22.49
CA SER A 63 16.51 -5.20 -23.09
C SER A 63 16.39 -4.73 -24.54
N ASP A 64 17.49 -4.22 -25.08
CA ASP A 64 17.54 -3.78 -26.47
C ASP A 64 18.27 -4.81 -27.33
N PRO A 65 17.53 -5.53 -28.18
CA PRO A 65 18.09 -6.58 -29.04
C PRO A 65 19.11 -6.06 -30.06
N ALA A 66 19.12 -4.75 -30.29
CA ALA A 66 20.07 -4.16 -31.22
C ALA A 66 21.48 -4.09 -30.60
N ILE A 67 21.56 -4.22 -29.28
CA ILE A 67 22.83 -4.10 -28.57
C ILE A 67 23.29 -5.44 -27.98
N GLN A 68 24.54 -5.77 -28.23
CA GLN A 68 25.13 -6.98 -27.69
C GLN A 68 25.77 -6.69 -26.33
N ILE A 69 25.21 -7.24 -25.28
CA ILE A 69 25.72 -6.99 -23.94
C ILE A 69 27.08 -7.66 -23.74
N ASP A 70 27.99 -7.01 -23.03
CA ASP A 70 29.31 -7.55 -22.77
C ASP A 70 29.91 -6.91 -21.52
N ILE A 71 29.67 -7.51 -20.36
CA ILE A 71 29.96 -6.84 -19.09
C ILE A 71 31.46 -6.53 -18.88
N GLU A 72 32.32 -7.28 -19.56
CA GLU A 72 33.76 -7.06 -19.48
C GLU A 72 34.14 -5.68 -20.03
N LYS A 73 33.39 -5.24 -21.04
CA LYS A 73 33.64 -3.96 -21.68
C LYS A 73 32.76 -2.87 -21.07
N GLY A 74 31.81 -3.28 -20.23
CA GLY A 74 30.82 -2.35 -19.70
C GLY A 74 29.80 -1.96 -20.75
N LEU A 75 28.92 -1.02 -20.43
CA LEU A 75 27.89 -0.58 -21.37
C LEU A 75 28.47 0.43 -22.33
N PRO A 76 27.79 0.65 -23.47
CA PRO A 76 28.15 1.74 -24.38
C PRO A 76 28.25 3.07 -23.61
N ARG A 77 29.32 3.83 -23.84
CA ARG A 77 29.49 5.13 -23.22
C ARG A 77 28.94 6.20 -24.15
N THR A 78 27.65 6.07 -24.44
CA THR A 78 26.97 6.94 -25.40
C THR A 78 26.87 8.40 -24.96
N ARG A 79 27.17 8.67 -23.70
CA ARG A 79 27.06 10.03 -23.19
C ARG A 79 28.38 10.82 -23.29
N GLU A 80 29.50 10.10 -23.29
CA GLU A 80 30.82 10.74 -23.29
C GLU A 80 30.95 11.83 -24.35
N ALA A 81 30.58 11.50 -25.58
CA ALA A 81 30.78 12.41 -26.71
C ALA A 81 30.03 13.74 -26.60
N LEU A 82 28.87 13.73 -25.96
CA LEU A 82 28.13 14.98 -25.76
C LEU A 82 28.73 15.82 -24.64
N VAL A 83 29.20 15.14 -23.60
CA VAL A 83 29.91 15.79 -22.51
C VAL A 83 31.13 16.52 -23.04
N VAL A 84 32.00 15.79 -23.72
CA VAL A 84 33.23 16.34 -24.28
C VAL A 84 32.91 17.52 -25.18
N ALA A 85 31.89 17.37 -26.01
CA ALA A 85 31.49 18.38 -26.99
C ALA A 85 31.29 19.78 -26.41
N ARG A 86 30.95 19.86 -25.13
CA ARG A 86 30.70 21.16 -24.53
C ARG A 86 32.01 21.94 -24.33
N GLY A 87 33.12 21.21 -24.28
CA GLY A 87 34.42 21.85 -24.19
C GLY A 87 34.72 22.44 -22.82
N ASP A 88 34.02 21.96 -21.79
CA ASP A 88 34.21 22.47 -20.43
C ASP A 88 35.00 21.53 -19.51
N VAL A 89 35.26 20.32 -19.98
CA VAL A 89 36.02 19.36 -19.19
C VAL A 89 37.29 18.96 -19.90
N GLU A 90 38.23 18.38 -19.15
CA GLU A 90 39.47 17.86 -19.72
C GLU A 90 39.87 16.59 -18.96
N GLU A 91 40.75 15.80 -19.56
CA GLU A 91 41.24 14.60 -18.89
C GLU A 91 42.04 14.93 -17.63
N VAL A 92 41.85 14.11 -16.61
CA VAL A 92 42.62 14.22 -15.39
C VAL A 92 44.02 13.72 -15.64
N ALA A 93 45.02 14.52 -15.26
CA ALA A 93 46.42 14.15 -15.46
C ALA A 93 46.75 12.80 -14.83
N ASP A 94 46.49 12.66 -13.55
CA ASP A 94 46.84 11.46 -12.81
C ASP A 94 45.66 10.94 -12.00
N PRO A 95 44.84 10.06 -12.62
CA PRO A 95 43.62 9.53 -11.98
C PRO A 95 43.90 8.73 -10.71
N ARG A 96 43.07 8.91 -9.70
CA ARG A 96 43.15 8.07 -8.49
C ARG A 96 43.02 6.61 -8.87
N GLN A 97 43.84 5.76 -8.27
CA GLN A 97 43.75 4.32 -8.50
C GLN A 97 43.60 3.55 -7.18
N VAL A 98 42.50 2.82 -7.05
CA VAL A 98 42.20 2.09 -5.82
C VAL A 98 42.06 0.60 -6.08
N PRO A 113 38.26 -8.54 -7.48
CA PRO A 113 38.25 -8.69 -8.93
C PRO A 113 38.13 -7.32 -9.59
N GLU A 114 39.21 -6.82 -10.18
CA GLU A 114 39.21 -5.46 -10.70
C GLU A 114 38.58 -5.39 -12.08
N PHE A 115 37.79 -4.35 -12.31
CA PHE A 115 37.19 -4.10 -13.62
C PHE A 115 38.20 -3.49 -14.59
N PRO A 116 38.30 -4.06 -15.81
CA PRO A 116 39.18 -3.65 -16.91
C PRO A 116 38.77 -2.29 -17.48
N ASP A 117 39.37 -1.24 -16.95
CA ASP A 117 38.88 0.12 -17.15
C ASP A 117 39.81 0.88 -18.09
N THR A 118 40.26 0.20 -19.14
CA THR A 118 41.30 0.74 -20.00
C THR A 118 40.81 1.75 -21.05
N GLY A 119 39.57 1.59 -21.49
CA GLY A 119 39.05 2.45 -22.57
C GLY A 119 38.48 3.78 -22.12
N ARG A 120 38.45 4.01 -20.81
CA ARG A 120 37.73 5.16 -20.27
C ARG A 120 38.67 6.28 -19.81
N LYS A 121 38.59 7.42 -20.50
CA LYS A 121 39.27 8.60 -20.04
C LYS A 121 38.49 9.17 -18.87
N ILE A 122 39.20 9.64 -17.86
CA ILE A 122 38.56 10.28 -16.70
C ILE A 122 38.59 11.79 -16.83
N TYR A 123 37.46 12.44 -16.56
CA TYR A 123 37.31 13.89 -16.77
C TYR A 123 37.15 14.74 -15.51
N ARG A 124 37.52 16.01 -15.66
CA ARG A 124 37.35 17.00 -14.61
C ARG A 124 37.17 18.36 -15.27
N ALA A 125 36.36 19.20 -14.65
CA ALA A 125 36.10 20.54 -15.17
C ALA A 125 37.39 21.32 -15.33
N LYS A 126 37.53 22.04 -16.44
CA LYS A 126 38.63 23.01 -16.59
C LYS A 126 38.41 24.15 -15.60
N PRO A 127 39.49 24.71 -15.05
CA PRO A 127 39.35 25.84 -14.13
C PRO A 127 38.56 26.97 -14.77
N GLY A 128 37.57 27.49 -14.06
CA GLY A 128 36.82 28.65 -14.51
C GLY A 128 35.75 28.40 -15.54
N LYS A 129 35.41 27.13 -15.76
CA LYS A 129 34.39 26.77 -16.74
C LYS A 129 33.12 26.30 -16.04
N LEU A 130 31.97 26.52 -16.68
CA LEU A 130 30.71 25.97 -16.20
C LEU A 130 30.70 24.47 -16.46
N VAL A 131 30.09 23.68 -15.58
CA VAL A 131 30.05 22.24 -15.82
C VAL A 131 28.77 21.55 -15.33
N THR A 132 28.11 22.10 -14.31
CA THR A 132 26.96 21.41 -13.73
C THR A 132 25.69 21.79 -14.48
N GLN A 133 24.70 20.91 -14.46
CA GLN A 133 23.44 21.20 -15.13
C GLN A 133 22.82 22.47 -14.59
N LEU A 134 22.96 22.69 -13.27
CA LEU A 134 22.45 23.90 -12.61
C LEU A 134 23.13 25.16 -13.13
N GLU A 135 24.45 25.10 -13.32
CA GLU A 135 25.21 26.22 -13.84
C GLU A 135 24.82 26.54 -15.27
N TYR A 136 24.73 25.51 -16.10
CA TYR A 136 24.31 25.70 -17.49
C TYR A 136 22.91 26.31 -17.55
N ALA A 137 22.00 25.74 -16.76
CA ALA A 137 20.61 26.21 -16.68
C ALA A 137 20.52 27.68 -16.29
N ARG A 138 21.23 28.07 -15.23
N ARG A 138 21.23 28.07 -15.23
CA ARG A 138 21.23 29.46 -14.79
CA ARG A 138 21.23 29.45 -14.78
C ARG A 138 21.88 30.36 -15.84
C ARG A 138 21.94 30.37 -15.79
N ALA A 139 22.74 29.78 -16.67
CA ALA A 139 23.38 30.53 -17.74
C ALA A 139 22.50 30.59 -18.99
N GLY A 140 21.31 30.02 -18.90
CA GLY A 140 20.37 30.03 -20.00
C GLY A 140 20.69 29.01 -21.09
N ILE A 141 21.47 28.00 -20.73
CA ILE A 141 21.88 26.96 -21.69
C ILE A 141 21.06 25.68 -21.54
N ILE A 142 20.56 25.18 -22.66
CA ILE A 142 19.87 23.89 -22.71
C ILE A 142 20.86 22.82 -23.17
N THR A 143 21.17 21.88 -22.28
CA THR A 143 22.15 20.83 -22.58
C THR A 143 21.51 19.60 -23.21
N ALA A 144 22.36 18.68 -23.68
CA ALA A 144 21.92 17.39 -24.22
C ALA A 144 21.11 16.58 -23.20
N GLU A 145 21.53 16.60 -21.93
CA GLU A 145 20.79 15.91 -20.87
C GLU A 145 19.41 16.51 -20.68
N MET A 146 19.28 17.83 -20.87
CA MET A 146 18.00 18.49 -20.69
C MET A 146 16.98 18.12 -21.77
N GLU A 147 17.41 18.14 -23.03
CA GLU A 147 16.53 17.70 -24.11
C GLU A 147 16.16 16.23 -23.95
N TYR A 148 17.16 15.43 -23.59
CA TYR A 148 16.98 14.01 -23.36
C TYR A 148 15.83 13.75 -22.38
N VAL A 149 15.86 14.40 -21.23
CA VAL A 149 14.86 14.14 -20.19
C VAL A 149 13.50 14.72 -20.60
N ALA A 150 13.50 15.86 -21.29
CA ALA A 150 12.24 16.45 -21.73
C ALA A 150 11.52 15.51 -22.68
N ILE A 151 12.26 14.91 -23.60
CA ILE A 151 11.68 13.93 -24.53
C ILE A 151 11.17 12.72 -23.79
N ARG A 152 11.99 12.21 -22.88
CA ARG A 152 11.64 11.05 -22.06
C ARG A 152 10.34 11.28 -21.28
N GLU A 153 10.22 12.45 -20.64
CA GLU A 153 9.10 12.78 -19.77
C GLU A 153 7.78 12.87 -20.53
N ASN A 154 7.86 13.10 -21.84
CA ASN A 154 6.66 13.17 -22.69
C ASN A 154 6.05 11.87 -23.17
N LEU A 155 6.77 10.76 -22.99
CA LEU A 155 6.27 9.42 -23.37
C LEU A 155 5.74 9.37 -24.81
N ARG A 156 6.36 10.13 -25.69
CA ARG A 156 6.00 10.17 -27.11
C ARG A 156 4.58 10.64 -27.38
N ARG A 157 4.03 11.45 -26.47
CA ARG A 157 2.69 11.98 -26.65
C ARG A 157 2.70 13.15 -27.65
N GLU A 158 1.55 13.41 -28.26
CA GLU A 158 1.39 14.48 -29.24
C GLU A 158 1.33 15.87 -28.62
N GLN A 159 2.27 16.72 -29.01
CA GLN A 159 2.51 18.04 -28.44
C GLN A 159 1.49 19.12 -28.80
N ASP A 160 0.85 19.00 -29.95
CA ASP A 160 -0.11 20.03 -30.36
C ASP A 160 -1.54 19.54 -30.15
N ARG A 161 -1.98 19.58 -28.89
CA ARG A 161 -3.22 18.92 -28.53
C ARG A 161 -3.91 19.58 -27.33
N PRO A 162 -5.23 19.79 -27.44
CA PRO A 162 -5.99 20.29 -26.29
C PRO A 162 -5.79 19.37 -25.11
N CYS A 163 -5.74 19.93 -23.91
CA CYS A 163 -5.50 19.13 -22.72
C CYS A 163 -6.27 19.65 -21.50
N VAL A 164 -6.85 18.72 -20.75
CA VAL A 164 -7.65 19.04 -19.56
C VAL A 164 -7.35 18.00 -18.50
N ARG A 165 -6.88 18.45 -17.34
CA ARG A 165 -6.33 17.53 -16.36
C ARG A 165 -7.29 17.22 -15.22
N ASP A 166 -7.37 15.94 -14.88
CA ASP A 166 -8.26 15.48 -13.82
C ASP A 166 -7.40 14.94 -12.69
N GLY A 167 -7.20 15.77 -11.68
CA GLY A 167 -6.38 15.38 -10.55
C GLY A 167 -6.28 16.53 -9.58
N GLU A 168 -5.47 16.35 -8.54
CA GLU A 168 -5.26 17.41 -7.59
C GLU A 168 -3.79 17.39 -7.27
N ASP A 169 -3.03 18.36 -7.79
CA ASP A 169 -1.57 18.33 -7.62
C ASP A 169 -1.08 19.30 -6.57
N PHE A 170 -2.00 19.79 -5.73
CA PHE A 170 -1.68 20.67 -4.60
C PHE A 170 -0.81 21.89 -4.96
N GLY A 171 -1.07 22.48 -6.11
CA GLY A 171 -0.35 23.69 -6.48
C GLY A 171 0.99 23.42 -7.12
N ALA A 172 1.07 22.33 -7.88
CA ALA A 172 2.26 22.01 -8.65
C ALA A 172 2.26 22.80 -9.96
N SER A 173 3.34 22.68 -10.72
CA SER A 173 3.49 23.35 -12.00
C SER A 173 3.79 22.35 -13.11
N ILE A 174 2.94 21.35 -13.21
CA ILE A 174 3.06 20.32 -14.25
C ILE A 174 2.46 20.85 -15.54
N PRO A 175 3.26 20.89 -16.62
CA PRO A 175 2.77 21.38 -17.91
C PRO A 175 2.03 20.29 -18.68
N ASP A 176 1.25 20.68 -19.69
CA ASP A 176 0.56 19.68 -20.51
C ASP A 176 1.56 18.85 -21.28
N PHE A 177 2.69 19.49 -21.61
CA PHE A 177 3.73 18.87 -22.40
C PHE A 177 5.08 19.43 -21.98
N VAL A 178 6.05 18.55 -21.74
CA VAL A 178 7.37 18.98 -21.30
C VAL A 178 8.25 19.41 -22.47
N THR A 179 8.81 20.61 -22.40
CA THR A 179 9.77 21.08 -23.39
C THR A 179 11.14 21.23 -22.73
N PRO A 180 12.21 21.22 -23.54
CA PRO A 180 13.56 21.38 -23.00
C PRO A 180 13.74 22.65 -22.15
N GLU A 181 13.01 23.70 -22.49
CA GLU A 181 13.13 24.98 -21.80
C GLU A 181 12.42 24.90 -20.46
N PHE A 182 11.31 24.19 -20.39
CA PHE A 182 10.65 23.96 -19.12
C PHE A 182 11.63 23.26 -18.17
N VAL A 183 12.32 22.25 -18.69
CA VAL A 183 13.30 21.52 -17.89
C VAL A 183 14.40 22.45 -17.40
N ARG A 184 14.92 23.29 -18.30
CA ARG A 184 15.96 24.24 -17.93
C ARG A 184 15.48 25.16 -16.81
N GLN A 185 14.26 25.67 -16.97
CA GLN A 185 13.66 26.53 -15.98
C GLN A 185 13.53 25.85 -14.61
N GLU A 186 13.14 24.58 -14.59
CA GLU A 186 13.00 23.86 -13.32
C GLU A 186 14.35 23.69 -12.63
N ILE A 187 15.36 23.31 -13.38
CA ILE A 187 16.69 23.15 -12.83
C ILE A 187 17.23 24.48 -12.27
N ALA A 188 17.07 25.55 -13.04
CA ALA A 188 17.63 26.84 -12.66
C ALA A 188 17.05 27.40 -11.37
N ARG A 189 15.79 27.10 -11.09
CA ARG A 189 15.19 27.55 -9.83
C ARG A 189 15.41 26.56 -8.67
N GLY A 190 16.05 25.43 -8.97
CA GLY A 190 16.39 24.47 -7.94
C GLY A 190 15.28 23.46 -7.67
N ARG A 191 14.22 23.54 -8.47
CA ARG A 191 13.05 22.71 -8.24
C ARG A 191 13.11 21.35 -8.97
N ALA A 192 14.17 21.14 -9.75
CA ALA A 192 14.40 19.82 -10.36
C ALA A 192 15.89 19.56 -10.52
N ILE A 193 16.30 18.29 -10.49
CA ILE A 193 17.68 17.95 -10.82
C ILE A 193 17.83 16.89 -11.92
N ILE A 194 19.05 16.80 -12.42
CA ILE A 194 19.45 15.75 -13.34
C ILE A 194 20.81 15.25 -12.85
N PRO A 195 20.82 14.16 -12.08
CA PRO A 195 22.07 13.59 -11.55
C PRO A 195 22.88 12.99 -12.69
N ALA A 196 24.02 13.59 -13.02
CA ALA A 196 24.77 13.20 -14.21
C ALA A 196 26.25 13.58 -14.10
N ASN A 197 27.03 12.72 -13.46
CA ASN A 197 28.46 12.92 -13.31
C ASN A 197 29.10 12.77 -14.69
N ILE A 198 30.02 13.68 -15.01
CA ILE A 198 30.66 13.71 -16.33
C ILE A 198 31.41 12.42 -16.58
N ASN A 199 31.72 11.72 -15.51
CA ASN A 199 32.44 10.45 -15.55
C ASN A 199 31.53 9.21 -15.56
N HIS A 200 30.24 9.43 -15.74
CA HIS A 200 29.32 8.31 -15.92
C HIS A 200 28.82 8.36 -17.35
N GLY A 201 29.69 7.98 -18.27
CA GLY A 201 29.39 8.04 -19.69
C GLY A 201 28.30 7.07 -20.15
N GLU A 202 28.03 6.06 -19.33
CA GLU A 202 27.03 5.04 -19.66
C GLU A 202 25.59 5.47 -19.36
N LEU A 203 25.45 6.62 -18.70
CA LEU A 203 24.15 7.07 -18.19
C LEU A 203 23.13 7.43 -19.25
N GLU A 204 21.93 6.87 -19.10
CA GLU A 204 20.74 7.38 -19.79
C GLU A 204 20.08 8.41 -18.88
N PRO A 205 20.19 9.71 -19.24
CA PRO A 205 19.77 10.80 -18.35
C PRO A 205 18.29 10.78 -17.94
N MET A 206 18.06 11.06 -16.66
CA MET A 206 16.72 11.14 -16.10
C MET A 206 16.60 12.39 -15.24
N ALA A 207 15.37 12.85 -15.05
CA ALA A 207 15.13 14.01 -14.21
C ALA A 207 14.37 13.64 -12.94
N ILE A 208 14.67 14.35 -11.85
CA ILE A 208 13.96 14.22 -10.58
C ILE A 208 13.35 15.55 -10.19
N GLY A 209 12.03 15.61 -10.12
CA GLY A 209 11.36 16.85 -9.73
C GLY A 209 9.86 16.71 -9.59
N ARG A 210 9.29 17.47 -8.67
CA ARG A 210 7.86 17.41 -8.40
C ARG A 210 7.05 17.55 -9.68
N ASN A 211 7.53 18.34 -10.64
CA ASN A 211 6.74 18.62 -11.82
C ASN A 211 6.98 17.64 -12.95
N PHE A 212 7.66 16.54 -12.63
CA PHE A 212 7.87 15.44 -13.57
C PHE A 212 7.30 14.16 -12.97
N LEU A 213 7.39 13.05 -13.70
CA LEU A 213 6.94 11.75 -13.18
C LEU A 213 7.67 11.37 -11.90
N VAL A 214 6.95 10.78 -10.95
CA VAL A 214 7.55 10.35 -9.69
C VAL A 214 8.52 9.21 -9.97
N LYS A 215 9.77 9.40 -9.55
CA LYS A 215 10.82 8.41 -9.76
C LYS A 215 10.93 7.49 -8.54
N ILE A 216 11.55 6.32 -8.71
CA ILE A 216 11.84 5.46 -7.57
C ILE A 216 13.29 5.02 -7.56
N ASN A 217 13.80 4.73 -6.37
CA ASN A 217 15.16 4.24 -6.22
C ASN A 217 15.21 2.87 -5.57
N ALA A 218 16.11 2.03 -6.06
CA ALA A 218 16.32 0.71 -5.48
C ALA A 218 17.70 0.67 -4.85
N ASN A 219 17.81 0.14 -3.64
CA ASN A 219 19.09 -0.01 -2.97
C ASN A 219 19.64 -1.41 -3.15
N ILE A 220 20.92 -1.49 -3.50
CA ILE A 220 21.60 -2.79 -3.51
C ILE A 220 22.90 -2.69 -2.71
N GLY A 221 23.70 -3.74 -2.77
CA GLY A 221 24.93 -3.81 -2.03
C GLY A 221 24.81 -4.69 -0.79
N ASN A 222 25.93 -4.89 -0.11
CA ASN A 222 25.95 -5.67 1.13
C ASN A 222 26.75 -4.94 2.20
N THR A 228 29.76 -11.49 -3.55
CA THR A 228 30.07 -11.78 -4.94
C THR A 228 29.61 -10.65 -5.86
N VAL A 229 30.46 -10.29 -6.82
CA VAL A 229 30.17 -9.22 -7.76
C VAL A 229 28.95 -9.54 -8.61
N ALA A 230 28.84 -10.79 -9.06
CA ALA A 230 27.78 -11.21 -9.97
C ALA A 230 26.41 -11.14 -9.29
N ASP A 231 26.43 -11.28 -7.98
CA ASP A 231 25.24 -11.13 -7.16
C ASP A 231 24.73 -9.69 -7.27
N GLU A 232 25.65 -8.73 -7.14
CA GLU A 232 25.30 -7.32 -7.18
C GLU A 232 24.93 -6.79 -8.56
N VAL A 233 25.74 -7.13 -9.57
CA VAL A 233 25.42 -6.72 -10.93
C VAL A 233 24.08 -7.31 -11.38
N ASP A 234 23.76 -8.49 -10.88
CA ASP A 234 22.46 -9.08 -11.18
C ASP A 234 21.34 -8.21 -10.61
N LYS A 235 21.47 -7.83 -9.35
CA LYS A 235 20.47 -6.99 -8.69
C LYS A 235 20.26 -5.64 -9.38
N LEU A 236 21.37 -5.02 -9.81
CA LEU A 236 21.30 -3.80 -10.61
C LEU A 236 20.47 -4.01 -11.88
N VAL A 237 20.79 -5.05 -12.62
CA VAL A 237 20.11 -5.33 -13.87
C VAL A 237 18.66 -5.71 -13.62
N TRP A 238 18.44 -6.53 -12.60
CA TRP A 238 17.09 -6.99 -12.25
C TRP A 238 16.25 -5.79 -11.80
N ALA A 239 16.80 -4.98 -10.88
CA ALA A 239 16.09 -3.78 -10.41
C ALA A 239 15.66 -2.85 -11.54
N THR A 240 16.60 -2.44 -12.38
CA THR A 240 16.26 -1.48 -13.43
C THR A 240 15.33 -2.09 -14.49
N ARG A 241 15.44 -3.40 -14.65
CA ARG A 241 14.60 -4.12 -15.60
C ARG A 241 13.14 -3.97 -15.22
N TRP A 242 12.86 -3.93 -13.92
CA TRP A 242 11.48 -3.81 -13.47
C TRP A 242 11.03 -2.38 -13.20
N GLY A 243 11.92 -1.41 -13.36
CA GLY A 243 11.53 -0.01 -13.35
C GLY A 243 12.23 0.93 -12.37
N ALA A 244 13.27 0.46 -11.70
CA ALA A 244 14.05 1.32 -10.82
C ALA A 244 14.68 2.46 -11.62
N ASP A 245 14.43 3.70 -11.21
CA ASP A 245 14.93 4.87 -11.93
C ASP A 245 16.38 5.25 -11.56
N THR A 246 16.74 5.12 -10.30
CA THR A 246 18.14 5.21 -9.91
C THR A 246 18.45 3.99 -9.05
N VAL A 247 19.73 3.78 -8.77
CA VAL A 247 20.15 2.75 -7.81
C VAL A 247 21.23 3.32 -6.89
N MET A 248 21.21 2.90 -5.62
CA MET A 248 22.28 3.26 -4.70
C MET A 248 23.04 2.00 -4.30
N ASP A 249 24.37 2.11 -4.27
CA ASP A 249 25.22 1.01 -3.86
C ASP A 249 25.59 1.26 -2.41
N LEU A 250 24.87 0.63 -1.51
CA LEU A 250 25.04 0.86 -0.08
C LEU A 250 25.96 -0.17 0.56
N SER A 251 26.90 -0.70 -0.22
CA SER A 251 27.83 -1.71 0.27
C SER A 251 28.69 -1.21 1.43
N THR A 252 28.88 -2.08 2.42
CA THR A 252 29.75 -1.82 3.55
C THR A 252 30.83 -2.90 3.58
N GLY A 253 31.88 -2.68 4.36
CA GLY A 253 32.95 -3.66 4.45
C GLY A 253 34.02 -3.52 3.39
N ARG A 254 34.60 -4.65 2.97
CA ARG A 254 35.74 -4.64 2.07
C ARG A 254 35.34 -4.78 0.59
N ASN A 255 36.25 -4.35 -0.28
CA ASN A 255 36.06 -4.39 -1.73
C ASN A 255 35.04 -3.40 -2.28
N ILE A 256 34.58 -2.45 -1.47
CA ILE A 256 33.46 -1.62 -1.90
C ILE A 256 33.77 -0.70 -3.09
N HIS A 257 34.98 -0.18 -3.18
CA HIS A 257 35.34 0.61 -4.36
C HIS A 257 35.34 -0.27 -5.60
N ASN A 258 36.01 -1.41 -5.52
CA ASN A 258 36.20 -2.29 -6.68
C ASN A 258 34.92 -2.98 -7.18
N ILE A 259 34.05 -3.33 -6.25
CA ILE A 259 32.74 -3.86 -6.61
C ILE A 259 31.95 -2.79 -7.38
N ARG A 260 31.99 -1.58 -6.86
CA ARG A 260 31.24 -0.47 -7.44
C ARG A 260 31.66 -0.12 -8.89
N ASP A 261 32.89 -0.46 -9.27
CA ASP A 261 33.29 -0.31 -10.66
C ASP A 261 32.40 -1.17 -11.55
N TRP A 262 32.23 -2.43 -11.16
CA TRP A 262 31.41 -3.36 -11.93
C TRP A 262 29.95 -2.89 -12.06
N ILE A 263 29.51 -2.11 -11.10
CA ILE A 263 28.14 -1.60 -11.09
C ILE A 263 28.01 -0.38 -12.01
N ILE A 264 28.78 0.67 -11.72
CA ILE A 264 28.69 1.93 -12.46
C ILE A 264 28.91 1.75 -13.97
N ARG A 265 29.97 1.04 -14.34
CA ARG A 265 30.31 0.84 -15.76
C ARG A 265 29.21 0.08 -16.48
N ASN A 266 28.38 -0.64 -15.73
CA ASN A 266 27.29 -1.46 -16.30
C ASN A 266 25.90 -0.93 -15.96
N SER A 267 25.83 0.32 -15.51
CA SER A 267 24.57 0.95 -15.17
C SER A 267 24.23 2.03 -16.18
N SER A 268 23.02 1.96 -16.72
CA SER A 268 22.49 3.02 -17.56
C SER A 268 21.65 4.01 -16.74
N VAL A 269 21.35 3.66 -15.48
CA VAL A 269 20.71 4.56 -14.53
C VAL A 269 21.72 5.24 -13.61
N PRO A 270 21.34 6.39 -13.04
CA PRO A 270 22.20 7.09 -12.07
C PRO A 270 22.50 6.23 -10.86
N ILE A 271 23.75 6.26 -10.41
CA ILE A 271 24.19 5.53 -9.25
C ILE A 271 24.49 6.45 -8.06
N GLY A 272 23.88 6.17 -6.91
CA GLY A 272 24.10 6.96 -5.72
C GLY A 272 24.90 6.20 -4.67
N THR A 273 25.57 6.93 -3.77
CA THR A 273 26.22 6.30 -2.63
C THR A 273 26.07 7.15 -1.37
N VAL A 274 26.54 6.61 -0.25
CA VAL A 274 26.71 7.37 0.98
C VAL A 274 28.20 7.26 1.29
N PRO A 275 28.98 8.25 0.84
CA PRO A 275 30.45 8.25 0.92
C PRO A 275 31.03 7.96 2.32
N ILE A 276 30.27 8.23 3.38
CA ILE A 276 30.79 8.01 4.74
C ILE A 276 30.99 6.52 4.99
N TYR A 277 30.19 5.68 4.32
CA TYR A 277 30.30 4.23 4.47
C TYR A 277 31.70 3.75 4.09
N GLN A 278 32.23 4.29 3.00
CA GLN A 278 33.56 3.92 2.53
C GLN A 278 34.64 4.60 3.38
N ALA A 279 34.49 5.90 3.58
CA ALA A 279 35.36 6.65 4.49
C ALA A 279 35.55 5.90 5.81
N LEU A 280 34.47 5.31 6.33
CA LEU A 280 34.51 4.57 7.59
C LEU A 280 35.35 3.29 7.49
N GLU A 281 35.27 2.62 6.35
CA GLU A 281 36.01 1.37 6.14
C GLU A 281 37.50 1.61 6.05
N LYS A 282 37.90 2.75 5.50
CA LYS A 282 39.32 3.10 5.44
C LYS A 282 39.91 3.29 6.84
N VAL A 283 39.08 3.64 7.82
CA VAL A 283 39.53 3.78 9.22
C VAL A 283 39.01 2.63 10.08
N ASN A 284 38.88 1.47 9.45
CA ASN A 284 38.57 0.20 10.11
C ASN A 284 37.37 0.21 11.08
N GLY A 285 36.21 0.60 10.57
CA GLY A 285 34.97 0.50 11.35
C GLY A 285 34.83 1.48 12.49
N VAL A 286 35.90 2.20 12.80
CA VAL A 286 35.89 3.11 13.94
C VAL A 286 35.41 4.49 13.51
N ALA A 287 34.18 4.83 13.91
CA ALA A 287 33.60 6.11 13.55
C ALA A 287 34.37 7.29 14.17
N GLU A 288 34.97 7.05 15.33
CA GLU A 288 35.72 8.10 16.03
C GLU A 288 37.01 8.48 15.31
N ASP A 289 37.47 7.64 14.40
CA ASP A 289 38.73 7.88 13.70
C ASP A 289 38.50 8.44 12.30
N LEU A 290 37.25 8.67 11.94
CA LEU A 290 36.96 9.44 10.74
C LEU A 290 37.55 10.82 10.90
N ASN A 291 37.85 11.47 9.78
CA ASN A 291 38.33 12.83 9.76
C ASN A 291 38.15 13.37 8.35
N TRP A 292 38.43 14.66 8.15
CA TRP A 292 38.19 15.29 6.85
C TRP A 292 39.07 14.74 5.73
N GLU A 293 40.33 14.47 6.03
CA GLU A 293 41.25 13.99 5.02
C GLU A 293 40.77 12.70 4.36
N VAL A 294 40.27 11.76 5.16
CA VAL A 294 39.77 10.49 4.60
C VAL A 294 38.42 10.65 3.87
N PHE A 295 37.56 11.54 4.36
CA PHE A 295 36.29 11.79 3.66
C PHE A 295 36.58 12.43 2.30
N ARG A 296 37.39 13.49 2.33
CA ARG A 296 37.81 14.20 1.14
C ARG A 296 38.33 13.23 0.06
N ASP A 297 39.23 12.34 0.43
CA ASP A 297 39.81 11.41 -0.55
C ASP A 297 38.79 10.42 -1.10
N THR A 298 37.81 10.08 -0.28
CA THR A 298 36.73 9.22 -0.72
C THR A 298 35.87 9.91 -1.78
N LEU A 299 35.60 11.19 -1.59
CA LEU A 299 34.77 11.97 -2.51
C LEU A 299 35.38 12.00 -3.91
N ILE A 300 36.67 12.29 -3.96
CA ILE A 300 37.36 12.45 -5.22
C ILE A 300 37.40 11.12 -5.94
N GLU A 301 37.64 10.05 -5.18
CA GLU A 301 37.70 8.73 -5.78
C GLU A 301 36.38 8.36 -6.45
N GLN A 302 35.28 8.60 -5.75
CA GLN A 302 33.96 8.28 -6.27
C GLN A 302 33.56 9.27 -7.38
N CYS A 303 34.02 10.50 -7.30
CA CYS A 303 33.76 11.50 -8.36
C CYS A 303 34.31 11.04 -9.70
N GLU A 304 35.53 10.50 -9.67
CA GLU A 304 36.19 10.05 -10.89
C GLU A 304 35.64 8.72 -11.37
N GLN A 305 35.15 7.92 -10.43
CA GLN A 305 34.51 6.65 -10.75
C GLN A 305 33.22 6.87 -11.55
N GLY A 306 32.52 7.96 -11.22
CA GLY A 306 31.33 8.34 -11.97
C GLY A 306 30.04 8.34 -11.16
N VAL A 307 30.15 8.32 -9.84
CA VAL A 307 28.98 8.41 -8.97
C VAL A 307 28.22 9.70 -9.21
N ASP A 308 26.90 9.58 -9.37
CA ASP A 308 26.03 10.68 -9.77
C ASP A 308 25.46 11.50 -8.62
N TYR A 309 25.27 10.87 -7.46
CA TYR A 309 24.89 11.63 -6.28
C TYR A 309 25.40 11.06 -4.96
N PHE A 310 25.59 11.96 -3.99
CA PHE A 310 26.14 11.62 -2.68
C PHE A 310 25.13 11.97 -1.61
N THR A 311 24.66 10.97 -0.87
CA THR A 311 23.91 11.25 0.33
C THR A 311 24.89 11.71 1.40
N ILE A 312 24.71 12.92 1.91
CA ILE A 312 25.65 13.47 2.88
C ILE A 312 24.93 14.04 4.11
N HIS A 313 25.22 13.47 5.27
CA HIS A 313 24.49 13.77 6.49
C HIS A 313 25.06 14.96 7.25
N ALA A 314 25.05 16.13 6.60
CA ALA A 314 25.64 17.34 7.18
C ALA A 314 24.69 18.10 8.11
N GLY A 315 23.46 17.64 8.21
CA GLY A 315 22.45 18.30 9.03
C GLY A 315 22.40 17.77 10.45
N VAL A 316 23.08 16.66 10.70
CA VAL A 316 23.20 16.12 12.04
C VAL A 316 24.17 16.95 12.88
N ARG A 317 23.69 18.09 13.37
CA ARG A 317 24.49 19.04 14.13
C ARG A 317 24.61 18.69 15.61
N LEU A 318 25.76 19.03 16.19
CA LEU A 318 26.08 18.67 17.56
C LEU A 318 24.93 18.88 18.55
N PRO A 319 24.37 20.11 18.60
CA PRO A 319 23.28 20.41 19.53
C PRO A 319 22.00 19.62 19.25
N PHE A 320 21.88 18.98 18.08
CA PHE A 320 20.67 18.24 17.72
C PHE A 320 20.65 16.86 18.35
N ILE A 321 21.82 16.36 18.69
CA ILE A 321 21.93 14.97 19.12
C ILE A 321 21.18 14.62 20.40
N PRO A 322 21.19 15.52 21.41
CA PRO A 322 20.46 15.20 22.65
C PRO A 322 18.94 15.20 22.47
N MET A 323 18.45 15.85 21.41
CA MET A 323 17.02 15.85 21.11
C MET A 323 16.50 14.44 20.80
N THR A 324 17.38 13.59 20.32
CA THR A 324 17.01 12.22 19.99
C THR A 324 16.88 11.34 21.24
N ALA A 325 17.35 11.84 22.37
CA ALA A 325 17.32 11.11 23.63
C ALA A 325 15.90 10.74 24.08
N LYS A 326 14.94 11.61 23.81
CA LYS A 326 13.57 11.40 24.25
C LYS A 326 12.75 10.58 23.24
N ARG A 327 13.42 10.02 22.24
CA ARG A 327 12.74 9.26 21.20
C ARG A 327 12.47 7.82 21.60
N VAL A 328 11.52 7.18 20.91
CA VAL A 328 11.24 5.77 21.11
C VAL A 328 12.31 4.91 20.44
N THR A 329 12.73 5.32 19.24
CA THR A 329 13.77 4.57 18.53
C THR A 329 15.06 5.36 18.31
N GLY A 330 15.14 6.58 18.83
CA GLY A 330 16.36 7.38 18.73
C GLY A 330 16.82 7.62 17.30
N ILE A 331 18.13 7.44 17.06
CA ILE A 331 18.73 7.64 15.74
C ILE A 331 18.83 6.31 14.95
N VAL A 332 18.10 6.21 13.85
CA VAL A 332 18.03 4.96 13.08
C VAL A 332 18.86 4.99 11.78
N SER A 333 19.18 6.20 11.32
CA SER A 333 19.99 6.35 10.12
C SER A 333 21.38 5.79 10.38
N ARG A 334 21.89 5.00 9.44
CA ARG A 334 23.25 4.49 9.58
C ARG A 334 24.25 5.64 9.47
N GLY A 335 24.14 6.43 8.41
CA GLY A 335 25.01 7.58 8.24
C GLY A 335 24.91 8.56 9.41
N GLY A 336 23.70 8.76 9.90
CA GLY A 336 23.47 9.68 11.01
C GLY A 336 24.14 9.21 12.28
N SER A 337 24.05 7.90 12.54
CA SER A 337 24.62 7.33 13.76
C SER A 337 26.13 7.46 13.77
N ILE A 338 26.75 7.16 12.62
CA ILE A 338 28.19 7.35 12.45
C ILE A 338 28.66 8.79 12.77
N MET A 339 27.97 9.78 12.21
CA MET A 339 28.27 11.19 12.51
C MET A 339 27.99 11.56 13.96
N ALA A 340 26.89 11.05 14.51
CA ALA A 340 26.60 11.27 15.93
C ALA A 340 27.78 10.81 16.76
N LYS A 341 28.21 9.56 16.55
CA LYS A 341 29.37 9.02 17.26
C LYS A 341 30.58 9.93 17.16
N TRP A 342 30.89 10.37 15.95
CA TRP A 342 32.05 11.23 15.75
C TRP A 342 31.92 12.50 16.56
N CYS A 343 30.75 13.13 16.47
CA CYS A 343 30.54 14.39 17.17
C CYS A 343 30.69 14.24 18.69
N LEU A 344 30.03 13.25 19.26
CA LEU A 344 30.09 13.04 20.71
C LEU A 344 31.51 12.75 21.18
N ALA A 345 32.27 12.02 20.36
CA ALA A 345 33.64 11.66 20.73
C ALA A 345 34.61 12.84 20.72
N HIS A 346 34.56 13.67 19.68
CA HIS A 346 35.51 14.76 19.56
C HIS A 346 34.93 16.02 20.18
N HIS A 347 33.67 15.94 20.58
CA HIS A 347 33.00 17.08 21.18
C HIS A 347 33.17 18.28 20.25
N LYS A 348 32.83 18.08 18.98
CA LYS A 348 32.94 19.12 17.96
C LYS A 348 31.76 19.08 16.98
N GLU A 349 31.53 20.19 16.29
CA GLU A 349 30.48 20.25 15.27
C GLU A 349 30.80 19.29 14.12
N ASN A 350 29.76 18.61 13.64
CA ASN A 350 29.83 17.72 12.48
C ASN A 350 30.70 18.33 11.38
N PHE A 351 31.80 17.66 11.04
CA PHE A 351 32.76 18.24 10.10
C PHE A 351 32.23 18.31 8.67
N LEU A 352 31.24 17.48 8.34
CA LEU A 352 30.56 17.57 7.04
C LEU A 352 29.81 18.89 6.98
N TYR A 353 29.26 19.29 8.11
CA TYR A 353 28.67 20.61 8.25
C TYR A 353 29.72 21.75 8.22
N GLU A 354 30.81 21.59 8.97
CA GLU A 354 31.85 22.63 9.04
C GLU A 354 32.61 22.84 7.73
N ARG A 355 32.81 21.77 6.97
CA ARG A 355 33.55 21.84 5.73
C ARG A 355 32.64 21.72 4.51
N PHE A 356 31.37 22.06 4.69
CA PHE A 356 30.39 21.95 3.60
C PHE A 356 30.86 22.65 2.33
N ASP A 357 31.32 23.89 2.47
CA ASP A 357 31.91 24.63 1.34
C ASP A 357 32.93 23.82 0.53
N GLU A 358 33.91 23.23 1.23
CA GLU A 358 34.94 22.48 0.56
C GLU A 358 34.33 21.25 -0.14
N ILE A 359 33.27 20.70 0.43
CA ILE A 359 32.60 19.55 -0.18
C ILE A 359 31.94 19.95 -1.50
N CYS A 360 31.30 21.12 -1.51
CA CYS A 360 30.72 21.68 -2.74
C CYS A 360 31.78 21.92 -3.81
N GLU A 361 32.93 22.46 -3.42
CA GLU A 361 33.95 22.80 -4.41
C GLU A 361 34.44 21.53 -5.09
N ILE A 362 34.37 20.41 -4.38
CA ILE A 362 34.74 19.12 -4.95
C ILE A 362 33.66 18.61 -5.89
N MET A 363 32.42 18.53 -5.40
CA MET A 363 31.31 18.00 -6.21
C MET A 363 31.08 18.79 -7.49
N ARG A 364 31.18 20.12 -7.40
CA ARG A 364 30.88 20.97 -8.53
C ARG A 364 31.83 20.70 -9.70
N ALA A 365 33.03 20.17 -9.42
CA ALA A 365 34.03 19.96 -10.46
C ALA A 365 33.74 18.74 -11.35
N TYR A 366 32.69 18.00 -11.02
CA TYR A 366 32.33 16.77 -11.73
C TYR A 366 30.82 16.66 -11.98
N ASP A 367 30.08 17.69 -11.58
CA ASP A 367 28.62 17.64 -11.51
C ASP A 367 28.09 16.41 -10.78
N VAL A 368 28.41 16.31 -9.50
CA VAL A 368 27.80 15.33 -8.62
C VAL A 368 26.73 16.05 -7.81
N SER A 369 25.54 15.44 -7.70
CA SER A 369 24.43 16.05 -6.97
C SER A 369 24.44 15.73 -5.48
N PHE A 370 24.02 16.69 -4.66
CA PHE A 370 23.80 16.47 -3.24
C PHE A 370 22.48 15.76 -3.02
N SER A 371 22.50 14.75 -2.17
CA SER A 371 21.30 14.19 -1.58
C SER A 371 21.48 14.42 -0.08
N LEU A 372 20.98 15.55 0.43
CA LEU A 372 21.15 15.89 1.84
C LEU A 372 20.42 14.89 2.75
N GLY A 373 21.20 14.03 3.41
CA GLY A 373 20.64 12.88 4.11
C GLY A 373 19.82 13.27 5.33
N ASP A 374 18.79 12.49 5.64
CA ASP A 374 18.07 12.71 6.88
C ASP A 374 18.62 11.81 7.99
N GLY A 375 19.68 12.30 8.63
CA GLY A 375 20.33 11.55 9.68
C GLY A 375 19.41 11.36 10.88
N LEU A 376 18.47 12.27 11.06
CA LEU A 376 17.61 12.22 12.24
C LEU A 376 16.18 11.81 11.92
N ARG A 377 15.99 11.01 10.88
CA ARG A 377 14.64 10.62 10.51
C ARG A 377 14.04 9.77 11.61
N PRO A 378 12.70 9.76 11.69
CA PRO A 378 12.03 8.97 12.72
C PRO A 378 12.06 7.49 12.37
N GLY A 379 12.55 6.68 13.30
CA GLY A 379 12.55 5.23 13.15
C GLY A 379 11.28 4.56 13.64
N SER A 380 10.28 5.36 13.99
CA SER A 380 9.00 4.86 14.51
C SER A 380 7.93 5.93 14.38
N THR A 381 6.66 5.54 14.22
CA THR A 381 5.60 6.54 14.07
C THR A 381 5.56 7.49 15.27
N ALA A 382 5.87 6.99 16.45
CA ALA A 382 5.93 7.82 17.66
C ALA A 382 6.83 9.06 17.56
N ASP A 383 8.00 8.90 16.94
CA ASP A 383 8.99 9.98 16.88
C ASP A 383 8.81 10.86 15.65
N ALA A 384 7.79 10.59 14.85
CA ALA A 384 7.60 11.33 13.60
C ALA A 384 7.34 12.81 13.86
N ASN A 385 7.98 13.67 13.06
CA ASN A 385 7.74 15.13 13.10
C ASN A 385 8.18 15.78 14.40
N ASP A 386 9.16 15.19 15.07
CA ASP A 386 9.61 15.73 16.34
C ASP A 386 10.68 16.80 16.17
N GLU A 387 11.13 17.33 17.31
CA GLU A 387 12.10 18.41 17.34
C GLU A 387 13.39 18.16 16.54
N ALA A 388 14.01 17.00 16.75
CA ALA A 388 15.25 16.68 16.07
C ALA A 388 15.01 16.58 14.57
N GLN A 389 14.00 15.82 14.17
CA GLN A 389 13.70 15.69 12.75
C GLN A 389 13.58 17.05 12.07
N PHE A 390 12.73 17.91 12.60
CA PHE A 390 12.49 19.22 11.96
C PHE A 390 13.66 20.20 12.13
N SER A 391 14.44 20.09 13.20
CA SER A 391 15.62 20.94 13.38
C SER A 391 16.60 20.63 12.27
N GLU A 392 16.79 19.35 12.00
CA GLU A 392 17.67 18.97 10.92
C GLU A 392 17.13 19.49 9.58
N LEU A 393 15.82 19.38 9.35
CA LEU A 393 15.23 19.75 8.07
C LEU A 393 15.47 21.21 7.70
N ARG A 394 15.32 22.09 8.68
CA ARG A 394 15.58 23.51 8.50
C ARG A 394 17.06 23.77 8.21
N THR A 395 17.93 22.96 8.80
CA THR A 395 19.36 23.04 8.51
C THR A 395 19.65 22.62 7.08
N LEU A 396 19.01 21.54 6.62
CA LEU A 396 19.14 21.12 5.23
C LEU A 396 18.73 22.25 4.31
N GLY A 397 17.68 22.95 4.68
CA GLY A 397 17.21 24.08 3.91
C GLY A 397 18.25 25.17 3.77
N GLU A 398 19.08 25.35 4.81
CA GLU A 398 20.12 26.38 4.79
C GLU A 398 21.34 25.93 4.01
N LEU A 399 21.68 24.65 4.12
CA LEU A 399 22.74 24.06 3.34
C LEU A 399 22.39 24.11 1.85
N THR A 400 21.11 23.93 1.55
CA THR A 400 20.64 24.01 0.17
C THR A 400 21.04 25.31 -0.51
N LYS A 401 20.87 26.44 0.17
CA LYS A 401 21.21 27.72 -0.43
C LYS A 401 22.72 27.82 -0.66
N VAL A 402 23.51 27.30 0.29
CA VAL A 402 24.97 27.30 0.15
C VAL A 402 25.41 26.42 -1.02
N ALA A 403 24.78 25.26 -1.16
CA ALA A 403 25.08 24.38 -2.29
C ALA A 403 24.78 25.08 -3.62
N TRP A 404 23.61 25.69 -3.73
CA TRP A 404 23.25 26.48 -4.90
C TRP A 404 24.26 27.59 -5.21
N LYS A 405 24.77 28.27 -4.19
CA LYS A 405 25.77 29.32 -4.39
C LYS A 405 27.01 28.77 -5.10
N HIS A 406 27.35 27.53 -4.81
CA HIS A 406 28.48 26.89 -5.45
C HIS A 406 28.11 26.21 -6.78
N GLY A 407 26.84 26.36 -7.20
CA GLY A 407 26.39 25.74 -8.43
C GLY A 407 26.21 24.24 -8.38
N VAL A 408 25.91 23.69 -7.21
CA VAL A 408 25.73 22.25 -7.06
C VAL A 408 24.25 21.86 -6.94
N GLN A 409 23.84 20.81 -7.64
CA GLN A 409 22.44 20.37 -7.60
C GLN A 409 22.11 19.74 -6.26
N VAL A 410 20.84 19.80 -5.87
CA VAL A 410 20.43 19.36 -4.54
C VAL A 410 19.05 18.71 -4.55
N MET A 411 18.91 17.58 -3.87
CA MET A 411 17.61 17.10 -3.45
C MET A 411 17.71 16.78 -1.96
N ILE A 412 16.57 16.69 -1.28
CA ILE A 412 16.49 16.56 0.16
C ILE A 412 15.91 15.19 0.55
N GLU A 413 16.50 14.55 1.56
CA GLU A 413 15.98 13.24 1.95
C GLU A 413 15.04 13.39 3.14
N GLY A 414 14.02 12.54 3.18
CA GLY A 414 12.99 12.63 4.20
C GLY A 414 12.61 11.28 4.77
N PRO A 415 11.60 11.27 5.67
CA PRO A 415 11.20 10.11 6.46
C PRO A 415 10.86 8.90 5.60
N GLY A 416 10.81 7.71 6.18
CA GLY A 416 10.92 7.50 7.61
C GLY A 416 9.68 6.73 8.03
N HIS A 417 9.38 6.70 9.33
CA HIS A 417 8.11 6.17 9.83
C HIS A 417 7.20 7.34 10.19
N VAL A 418 6.04 7.42 9.55
CA VAL A 418 5.11 8.54 9.79
C VAL A 418 3.68 8.05 9.61
N ALA A 419 2.83 8.26 10.62
CA ALA A 419 1.42 7.87 10.50
C ALA A 419 0.73 8.79 9.51
N MET A 420 -0.32 8.32 8.87
CA MET A 420 -0.89 9.01 7.71
C MET A 420 -1.25 10.49 7.93
N HIS A 421 -1.75 10.83 9.11
CA HIS A 421 -2.23 12.19 9.38
C HIS A 421 -1.09 13.20 9.50
N LYS A 422 0.15 12.73 9.63
CA LYS A 422 1.29 13.63 9.79
C LYS A 422 2.06 13.80 8.48
N ILE A 423 1.63 13.08 7.45
CA ILE A 423 2.38 13.02 6.20
C ILE A 423 2.37 14.33 5.41
N LYS A 424 1.20 14.94 5.24
CA LYS A 424 1.12 16.23 4.54
C LYS A 424 2.00 17.28 5.22
N ALA A 425 1.93 17.34 6.55
CA ALA A 425 2.73 18.30 7.30
C ALA A 425 4.22 18.18 6.97
N ASN A 426 4.68 16.96 6.78
CA ASN A 426 6.06 16.72 6.33
C ASN A 426 6.36 17.39 5.01
N MET A 427 5.48 17.19 4.03
CA MET A 427 5.63 17.86 2.76
C MET A 427 5.60 19.38 2.93
N ASP A 428 4.67 19.91 3.72
CA ASP A 428 4.57 21.37 3.90
C ASP A 428 5.83 21.98 4.47
N GLU A 429 6.39 21.36 5.51
CA GLU A 429 7.61 21.86 6.12
C GLU A 429 8.76 21.82 5.09
N GLN A 430 8.83 20.73 4.34
CA GLN A 430 9.93 20.54 3.39
C GLN A 430 9.90 21.59 2.29
N LEU A 431 8.72 21.83 1.73
CA LEU A 431 8.56 22.79 0.64
C LEU A 431 9.01 24.19 1.07
N LYS A 432 8.61 24.57 2.28
CA LYS A 432 8.94 25.88 2.81
C LYS A 432 10.43 26.04 3.15
N HIS A 433 10.93 25.21 4.06
CA HIS A 433 12.29 25.39 4.60
C HIS A 433 13.40 25.01 3.63
N CYS A 434 13.07 24.16 2.67
CA CYS A 434 14.05 23.71 1.69
C CYS A 434 13.78 24.27 0.31
N HIS A 435 12.96 25.32 0.26
CA HIS A 435 12.78 26.15 -0.94
C HIS A 435 12.37 25.36 -2.19
N GLU A 436 11.45 24.41 -2.03
CA GLU A 436 10.93 23.63 -3.14
C GLU A 436 11.97 22.74 -3.83
N ALA A 437 13.14 22.52 -3.22
CA ALA A 437 14.10 21.55 -3.77
C ALA A 437 13.42 20.18 -3.83
N PRO A 438 13.89 19.28 -4.71
CA PRO A 438 13.18 17.99 -4.77
C PRO A 438 13.27 17.21 -3.45
N PHE A 439 12.18 16.56 -3.08
CA PHE A 439 12.12 15.72 -1.88
C PHE A 439 12.27 14.23 -2.22
N TYR A 440 12.93 13.49 -1.34
CA TYR A 440 13.32 12.11 -1.60
C TYR A 440 13.10 11.25 -0.36
N THR A 441 11.97 10.55 -0.32
CA THR A 441 11.53 9.86 0.90
C THR A 441 11.72 8.34 0.86
N LEU A 442 11.86 7.77 2.05
CA LEU A 442 11.98 6.33 2.23
C LEU A 442 10.64 5.84 2.77
N GLY A 443 9.70 5.58 1.88
CA GLY A 443 8.34 5.32 2.30
C GLY A 443 7.59 6.63 2.27
N PRO A 444 7.03 7.05 3.41
CA PRO A 444 7.18 6.51 4.78
C PRO A 444 6.30 5.30 5.13
N LEU A 445 6.77 4.49 6.09
CA LEU A 445 5.95 3.45 6.70
C LEU A 445 4.91 4.12 7.60
N THR A 446 3.66 3.72 7.45
CA THR A 446 2.54 4.37 8.12
C THR A 446 2.09 3.64 9.40
N THR A 447 2.76 2.52 9.70
CA THR A 447 2.54 1.79 10.94
C THR A 447 3.75 0.86 11.14
N ASP A 448 4.03 0.51 12.40
CA ASP A 448 5.23 -0.25 12.75
C ASP A 448 5.01 -1.74 13.01
N ILE A 449 3.77 -2.20 12.97
CA ILE A 449 3.46 -3.54 13.48
C ILE A 449 3.42 -4.67 12.44
N ALA A 450 3.93 -4.43 11.24
CA ALA A 450 3.95 -5.52 10.25
C ALA A 450 5.35 -5.81 9.68
N PRO A 451 6.26 -6.32 10.51
CA PRO A 451 7.58 -6.67 9.95
C PRO A 451 7.40 -7.79 8.92
N GLY A 452 8.11 -7.69 7.79
CA GLY A 452 7.98 -8.65 6.71
C GLY A 452 6.98 -8.23 5.64
N TYR A 453 6.22 -7.17 5.93
CA TYR A 453 5.27 -6.61 4.96
C TYR A 453 5.47 -5.12 4.83
N ASP A 454 6.68 -4.65 5.14
CA ASP A 454 6.94 -3.22 5.18
C ASP A 454 6.95 -2.55 3.82
N HIS A 455 7.09 -3.34 2.76
CA HIS A 455 6.91 -2.79 1.43
C HIS A 455 5.45 -2.32 1.27
N ILE A 456 4.53 -2.96 1.98
CA ILE A 456 3.11 -2.56 1.92
C ILE A 456 2.80 -1.36 2.82
N THR A 457 3.16 -1.45 4.10
CA THR A 457 2.95 -0.30 4.99
C THR A 457 3.58 0.99 4.42
N SER A 458 4.67 0.86 3.67
CA SER A 458 5.36 2.02 3.13
C SER A 458 4.84 2.40 1.75
N ALA A 459 4.27 1.45 1.01
CA ALA A 459 3.63 1.80 -0.26
C ALA A 459 2.49 2.80 -0.01
N ILE A 460 1.80 2.62 1.11
CA ILE A 460 0.71 3.51 1.49
C ILE A 460 1.22 4.94 1.71
N GLY A 461 2.25 5.09 2.53
CA GLY A 461 2.82 6.39 2.80
C GLY A 461 3.49 6.99 1.58
N ALA A 462 4.19 6.15 0.82
CA ALA A 462 4.92 6.58 -0.36
C ALA A 462 4.01 7.14 -1.45
N ALA A 463 2.87 6.50 -1.70
CA ALA A 463 1.92 7.01 -2.68
C ALA A 463 1.31 8.33 -2.25
N MET A 464 0.99 8.42 -0.96
CA MET A 464 0.42 9.64 -0.41
C MET A 464 1.40 10.81 -0.49
N ILE A 465 2.66 10.60 -0.08
CA ILE A 465 3.61 11.70 -0.09
C ILE A 465 4.07 12.05 -1.50
N GLY A 466 4.03 11.06 -2.40
CA GLY A 466 4.30 11.31 -3.80
C GLY A 466 3.24 12.22 -4.36
N TRP A 467 1.99 11.92 -4.01
CA TRP A 467 0.85 12.75 -4.39
C TRP A 467 1.02 14.18 -3.89
N PHE A 468 1.50 14.34 -2.65
CA PHE A 468 1.64 15.67 -2.07
C PHE A 468 2.80 16.47 -2.68
N GLY A 469 3.64 15.80 -3.45
CA GLY A 469 4.70 16.50 -4.18
C GLY A 469 6.10 15.91 -4.09
N THR A 470 6.23 14.75 -3.44
CA THR A 470 7.54 14.10 -3.32
C THR A 470 8.04 13.65 -4.68
N ALA A 471 9.31 13.94 -4.97
CA ALA A 471 9.92 13.71 -6.28
C ALA A 471 10.43 12.29 -6.52
N MET A 472 11.06 11.68 -5.51
CA MET A 472 11.59 10.34 -5.66
C MET A 472 11.30 9.53 -4.41
N LEU A 473 11.06 8.25 -4.62
CA LEU A 473 10.65 7.37 -3.52
C LEU A 473 11.66 6.27 -3.39
N CYS A 474 12.43 6.27 -2.32
CA CYS A 474 13.31 5.16 -2.06
C CYS A 474 12.48 3.96 -1.63
N TYR A 475 12.68 2.83 -2.31
CA TYR A 475 11.85 1.67 -2.06
C TYR A 475 12.14 0.98 -0.74
N VAL A 476 11.33 -0.03 -0.45
CA VAL A 476 11.40 -0.82 0.78
C VAL A 476 10.96 -2.22 0.38
N THR A 477 11.70 -3.25 0.83
CA THR A 477 11.34 -4.63 0.48
C THR A 477 10.72 -5.32 1.68
N PRO A 478 10.20 -6.54 1.48
CA PRO A 478 9.63 -7.32 2.58
C PRO A 478 10.67 -7.67 3.63
N LYS A 479 11.95 -7.55 3.30
CA LYS A 479 13.02 -7.86 4.24
C LYS A 479 13.40 -6.71 5.18
N GLU A 480 12.79 -5.55 4.99
CA GLU A 480 13.11 -4.37 5.80
C GLU A 480 13.10 -4.72 7.30
N HIS A 481 14.18 -4.33 8.00
CA HIS A 481 14.28 -4.56 9.45
C HIS A 481 14.70 -5.99 9.81
N LEU A 482 14.89 -6.85 8.82
CA LEU A 482 14.94 -8.29 9.07
C LEU A 482 16.14 -9.00 8.44
N GLY A 483 16.38 -8.74 7.16
CA GLY A 483 17.43 -9.46 6.46
C GLY A 483 17.90 -8.75 5.20
N LEU A 484 18.76 -9.42 4.45
CA LEU A 484 19.25 -8.87 3.18
C LEU A 484 18.38 -9.35 2.02
N PRO A 485 17.89 -8.40 1.21
CA PRO A 485 16.97 -8.75 0.11
C PRO A 485 17.66 -9.58 -0.94
N ASP A 486 17.00 -10.65 -1.38
CA ASP A 486 17.51 -11.37 -2.53
C ASP A 486 16.88 -10.82 -3.80
N ARG A 487 17.30 -11.36 -4.93
CA ARG A 487 16.75 -11.05 -6.24
C ARG A 487 15.22 -10.85 -6.24
N ASP A 488 14.50 -11.79 -5.64
CA ASP A 488 13.03 -11.76 -5.62
C ASP A 488 12.44 -10.67 -4.70
N ASP A 489 13.19 -10.30 -3.67
CA ASP A 489 12.76 -9.24 -2.78
C ASP A 489 12.93 -7.89 -3.46
N VAL A 490 14.00 -7.76 -4.25
CA VAL A 490 14.28 -6.52 -4.96
C VAL A 490 13.16 -6.24 -5.96
N LYS A 491 12.71 -7.27 -6.66
CA LYS A 491 11.63 -7.09 -7.63
C LYS A 491 10.30 -6.73 -6.96
N THR A 492 10.00 -7.38 -5.84
CA THR A 492 8.75 -7.08 -5.16
C THR A 492 8.75 -5.62 -4.71
N GLY A 493 9.88 -5.17 -4.17
CA GLY A 493 10.03 -3.77 -3.80
C GLY A 493 9.87 -2.83 -4.98
N VAL A 494 10.51 -3.16 -6.10
CA VAL A 494 10.49 -2.31 -7.28
C VAL A 494 9.08 -2.18 -7.85
N ILE A 495 8.41 -3.31 -8.06
CA ILE A 495 7.02 -3.28 -8.51
C ILE A 495 6.10 -2.53 -7.53
N THR A 496 6.31 -2.74 -6.24
CA THR A 496 5.48 -2.06 -5.24
C THR A 496 5.64 -0.55 -5.38
N TYR A 497 6.87 -0.09 -5.58
CA TYR A 497 7.12 1.34 -5.67
C TYR A 497 6.76 1.95 -7.02
N LYS A 498 6.84 1.15 -8.08
CA LYS A 498 6.38 1.60 -9.38
C LYS A 498 4.88 1.90 -9.34
N LEU A 499 4.11 1.02 -8.72
CA LEU A 499 2.68 1.24 -8.68
C LEU A 499 2.33 2.41 -7.74
N ALA A 500 3.10 2.56 -6.66
CA ALA A 500 2.89 3.70 -5.75
C ALA A 500 3.18 5.02 -6.48
N ALA A 501 4.30 5.06 -7.18
CA ALA A 501 4.71 6.23 -7.95
C ALA A 501 3.68 6.57 -9.04
N HIS A 502 3.18 5.53 -9.70
CA HIS A 502 2.16 5.72 -10.74
C HIS A 502 0.83 6.18 -10.14
N ALA A 503 0.42 5.56 -9.04
CA ALA A 503 -0.78 5.97 -8.27
C ALA A 503 -0.74 7.46 -7.94
N ALA A 504 0.44 7.96 -7.62
CA ALA A 504 0.66 9.38 -7.33
C ALA A 504 0.55 10.25 -8.59
N ASP A 505 1.19 9.82 -9.68
CA ASP A 505 1.06 10.49 -10.99
C ASP A 505 -0.40 10.60 -11.44
N LEU A 506 -1.15 9.51 -11.27
CA LEU A 506 -2.56 9.46 -11.66
C LEU A 506 -3.36 10.45 -10.81
N ALA A 507 -3.16 10.40 -9.50
CA ALA A 507 -3.87 11.28 -8.56
C ALA A 507 -3.51 12.75 -8.75
N LYS A 508 -2.26 13.01 -9.13
CA LYS A 508 -1.80 14.37 -9.42
C LYS A 508 -2.43 14.95 -10.69
N GLY A 509 -3.07 14.08 -11.48
CA GLY A 509 -3.56 14.49 -12.79
C GLY A 509 -2.42 14.74 -13.78
N HIS A 510 -1.36 13.95 -13.68
CA HIS A 510 -0.28 13.99 -14.68
C HIS A 510 -0.78 13.51 -16.06
N PRO A 511 -0.59 14.37 -17.09
CA PRO A 511 -1.20 14.20 -18.41
C PRO A 511 -0.92 12.87 -19.10
N GLY A 512 0.12 12.16 -18.68
CA GLY A 512 0.48 10.91 -19.33
C GLY A 512 0.00 9.68 -18.58
N ALA A 513 -0.43 9.85 -17.35
CA ALA A 513 -0.76 8.70 -16.49
C ALA A 513 -1.99 7.89 -16.93
N ALA A 514 -3.08 8.58 -17.24
CA ALA A 514 -4.36 7.91 -17.46
C ALA A 514 -4.35 6.96 -18.65
N MET A 515 -3.50 7.23 -19.63
CA MET A 515 -3.51 6.46 -20.87
C MET A 515 -3.17 4.99 -20.60
N TRP A 516 -2.18 4.75 -19.75
CA TRP A 516 -1.79 3.40 -19.39
C TRP A 516 -2.99 2.69 -18.70
N ASP A 517 -3.54 3.29 -17.64
CA ASP A 517 -4.65 2.69 -16.90
C ASP A 517 -5.86 2.43 -17.78
N ASP A 518 -6.16 3.38 -18.65
CA ASP A 518 -7.33 3.22 -19.51
C ASP A 518 -7.12 2.04 -20.48
N ALA A 519 -5.98 2.01 -21.16
CA ALA A 519 -5.65 0.90 -22.07
C ALA A 519 -5.85 -0.48 -21.44
N ILE A 520 -5.35 -0.67 -20.22
CA ILE A 520 -5.43 -1.98 -19.60
C ILE A 520 -6.87 -2.27 -19.16
N SER A 521 -7.62 -1.22 -18.80
CA SER A 521 -9.01 -1.39 -18.43
C SER A 521 -9.88 -1.77 -19.64
N ARG A 522 -9.61 -1.17 -20.80
CA ARG A 522 -10.27 -1.58 -22.04
C ARG A 522 -9.98 -3.04 -22.38
N ALA A 523 -8.76 -3.49 -22.11
CA ALA A 523 -8.36 -4.88 -22.31
C ALA A 523 -9.10 -5.86 -21.39
N ARG A 524 -9.31 -5.46 -20.14
CA ARG A 524 -10.03 -6.26 -19.15
C ARG A 524 -11.50 -6.38 -19.55
N PHE A 525 -12.05 -5.27 -20.03
CA PHE A 525 -13.45 -5.19 -20.43
C PHE A 525 -13.72 -6.03 -21.68
N GLU A 526 -12.80 -5.97 -22.64
CA GLU A 526 -13.01 -6.66 -23.90
C GLU A 526 -12.43 -8.08 -23.90
N PHE A 527 -12.01 -8.52 -22.72
CA PHE A 527 -11.48 -9.88 -22.55
C PHE A 527 -10.24 -10.18 -23.39
N ARG A 528 -9.41 -9.16 -23.63
CA ARG A 528 -8.13 -9.38 -24.29
C ARG A 528 -7.07 -9.71 -23.24
N TRP A 529 -7.04 -10.98 -22.85
CA TRP A 529 -6.14 -11.43 -21.78
C TRP A 529 -4.68 -11.11 -22.05
N GLU A 530 -4.21 -11.45 -23.25
CA GLU A 530 -2.81 -11.23 -23.60
C GLU A 530 -2.40 -9.78 -23.39
N ASP A 531 -3.29 -8.87 -23.77
CA ASP A 531 -3.04 -7.45 -23.65
C ASP A 531 -3.10 -7.01 -22.19
N GLN A 532 -4.03 -7.59 -21.43
CA GLN A 532 -4.08 -7.31 -20.01
C GLN A 532 -2.78 -7.69 -19.36
N PHE A 533 -2.26 -8.87 -19.70
CA PHE A 533 -0.99 -9.32 -19.12
C PHE A 533 0.17 -8.40 -19.51
N ASN A 534 0.25 -8.05 -20.79
CA ASN A 534 1.38 -7.31 -21.34
C ASN A 534 1.46 -5.85 -20.87
N LEU A 535 0.34 -5.31 -20.42
CA LEU A 535 0.27 -3.91 -19.99
C LEU A 535 0.43 -3.76 -18.47
N GLY A 536 0.61 -4.88 -17.78
CA GLY A 536 0.81 -4.84 -16.35
C GLY A 536 2.26 -4.53 -16.04
N LEU A 537 2.54 -4.07 -14.84
CA LEU A 537 3.90 -3.81 -14.41
C LEU A 537 4.70 -5.10 -14.41
N ASP A 538 4.01 -6.22 -14.25
CA ASP A 538 4.67 -7.53 -14.17
C ASP A 538 3.95 -8.62 -14.97
N PRO A 539 4.18 -8.65 -16.30
CA PRO A 539 3.48 -9.54 -17.24
C PRO A 539 3.62 -11.02 -16.91
N GLU A 540 4.82 -11.46 -16.59
CA GLU A 540 5.03 -12.87 -16.29
C GLU A 540 4.17 -13.33 -15.10
N THR A 541 4.12 -12.52 -14.05
CA THR A 541 3.37 -12.92 -12.86
C THR A 541 1.87 -13.06 -13.18
N ALA A 542 1.31 -12.03 -13.81
CA ALA A 542 -0.10 -12.05 -14.19
C ALA A 542 -0.49 -13.28 -14.99
N ARG A 543 0.29 -13.59 -16.03
CA ARG A 543 0.04 -14.77 -16.86
C ARG A 543 0.10 -16.07 -16.04
N LYS A 544 1.06 -16.14 -15.12
CA LYS A 544 1.21 -17.28 -14.26
C LYS A 544 0.02 -17.41 -13.29
N PHE A 545 -0.37 -16.32 -12.65
CA PHE A 545 -1.51 -16.34 -11.74
C PHE A 545 -2.78 -16.70 -12.49
N HIS A 546 -2.80 -16.44 -13.80
CA HIS A 546 -3.95 -16.76 -14.63
C HIS A 546 -3.74 -18.07 -15.37
N ILE B 7 -14.78 -34.18 5.85
CA ILE B 7 -15.19 -34.34 7.24
C ILE B 7 -13.99 -34.66 8.12
N LYS B 8 -13.34 -35.79 7.84
CA LYS B 8 -12.13 -36.18 8.56
C LYS B 8 -10.92 -35.52 7.87
N ALA B 9 -11.02 -35.37 6.55
CA ALA B 9 -9.96 -34.75 5.78
C ALA B 9 -9.77 -33.29 6.19
N VAL B 10 -10.82 -32.71 6.77
CA VAL B 10 -10.76 -31.35 7.27
C VAL B 10 -10.21 -31.33 8.69
N ALA B 11 -10.65 -32.29 9.50
CA ALA B 11 -10.30 -32.35 10.91
C ALA B 11 -8.81 -32.16 11.17
N GLU B 12 -7.98 -32.59 10.22
CA GLU B 12 -6.53 -32.50 10.39
C GLU B 12 -5.93 -31.30 9.65
N THR B 13 -6.40 -31.07 8.43
CA THR B 13 -5.84 -30.03 7.56
C THR B 13 -5.99 -28.61 8.11
N ILE B 14 -6.98 -28.40 8.99
CA ILE B 14 -7.21 -27.07 9.54
C ILE B 14 -6.20 -26.71 10.62
N SER B 15 -5.86 -25.43 10.69
CA SER B 15 -4.87 -24.94 11.65
C SER B 15 -5.51 -24.49 12.95
N THR B 16 -5.07 -25.10 14.05
CA THR B 16 -5.53 -24.74 15.38
C THR B 16 -4.35 -24.54 16.33
N GLY B 17 -4.62 -24.15 17.56
CA GLY B 17 -3.57 -23.88 18.52
C GLY B 17 -3.28 -22.40 18.65
N PRO B 18 -2.56 -22.02 19.70
CA PRO B 18 -2.27 -20.62 19.99
C PRO B 18 -1.61 -19.96 18.80
N ILE B 19 -1.82 -18.66 18.65
CA ILE B 19 -1.17 -17.90 17.62
C ILE B 19 0.28 -17.66 18.06
N PRO B 20 1.25 -18.12 17.26
CA PRO B 20 2.67 -18.09 17.65
C PRO B 20 3.06 -16.80 18.35
N GLY B 21 3.66 -16.94 19.53
CA GLY B 21 4.09 -15.80 20.31
C GLY B 21 3.02 -15.29 21.26
N SER B 22 1.85 -15.90 21.25
CA SER B 22 0.78 -15.39 22.10
C SER B 22 -0.08 -16.50 22.71
N ARG B 23 -1.08 -16.09 23.49
CA ARG B 23 -2.06 -17.03 24.05
C ARG B 23 -3.45 -16.38 24.15
N LYS B 24 -4.48 -17.19 24.10
CA LYS B 24 -5.84 -16.70 24.23
C LYS B 24 -6.10 -16.27 25.66
N VAL B 25 -6.77 -15.13 25.82
CA VAL B 25 -7.20 -14.66 27.11
C VAL B 25 -8.66 -14.20 27.02
N TYR B 26 -9.33 -14.13 28.17
CA TYR B 26 -10.73 -13.69 28.17
C TYR B 26 -11.02 -12.66 29.24
N GLN B 27 -11.92 -11.74 28.94
CA GLN B 27 -12.42 -10.81 29.92
C GLN B 27 -13.90 -11.15 30.11
N ALA B 28 -14.34 -11.25 31.36
CA ALA B 28 -15.74 -11.58 31.63
C ALA B 28 -16.65 -10.35 31.64
N GLY B 29 -17.92 -10.55 31.31
CA GLY B 29 -18.90 -9.48 31.40
C GLY B 29 -19.32 -9.17 32.83
N GLU B 30 -19.94 -8.01 33.01
CA GLU B 30 -20.50 -7.61 34.31
C GLU B 30 -22.03 -7.58 34.25
N LEU B 31 -22.57 -6.95 33.20
CA LEU B 31 -24.02 -6.94 33.00
C LEU B 31 -24.45 -8.37 32.78
N PHE B 32 -23.69 -9.08 31.96
CA PHE B 32 -23.93 -10.48 31.72
C PHE B 32 -22.70 -11.28 32.11
N PRO B 33 -22.66 -11.71 33.38
CA PRO B 33 -21.47 -12.33 34.00
C PRO B 33 -20.98 -13.58 33.27
N GLU B 34 -21.80 -14.19 32.42
CA GLU B 34 -21.38 -15.42 31.76
C GLU B 34 -20.61 -15.18 30.46
N LEU B 35 -20.55 -13.94 30.01
CA LEU B 35 -19.82 -13.63 28.78
C LEU B 35 -18.34 -13.87 29.01
N ARG B 36 -17.67 -14.41 28.00
CA ARG B 36 -16.22 -14.48 28.00
C ARG B 36 -15.72 -13.89 26.68
N VAL B 37 -15.21 -12.67 26.74
CA VAL B 37 -14.83 -11.94 25.53
C VAL B 37 -13.36 -12.23 25.21
N PRO B 38 -13.10 -12.75 24.00
CA PRO B 38 -11.75 -13.22 23.70
C PRO B 38 -10.79 -12.11 23.24
N PHE B 39 -9.53 -12.27 23.61
CA PHE B 39 -8.41 -11.47 23.10
C PHE B 39 -7.21 -12.41 22.99
N ARG B 40 -6.14 -11.95 22.35
CA ARG B 40 -4.86 -12.66 22.50
C ARG B 40 -3.83 -11.72 23.12
N GLU B 41 -2.94 -12.31 23.91
CA GLU B 41 -1.99 -11.55 24.71
C GLU B 41 -0.56 -11.88 24.34
N VAL B 42 0.27 -10.85 24.22
CA VAL B 42 1.67 -11.03 23.87
C VAL B 42 2.54 -10.48 24.99
N ALA B 43 3.21 -11.39 25.70
CA ALA B 43 4.11 -11.01 26.80
C ALA B 43 5.50 -10.76 26.23
N VAL B 44 6.21 -9.77 26.77
CA VAL B 44 7.56 -9.48 26.28
C VAL B 44 8.61 -9.92 27.27
N HIS B 45 9.87 -9.71 26.93
CA HIS B 45 10.97 -10.13 27.79
C HIS B 45 10.77 -9.56 29.18
N PRO B 46 10.98 -10.38 30.20
CA PRO B 46 10.88 -9.92 31.60
C PRO B 46 11.75 -8.70 31.89
N SER B 47 12.94 -8.65 31.32
CA SER B 47 13.87 -7.55 31.56
C SER B 47 13.34 -6.23 31.01
N ALA B 48 12.48 -6.31 30.01
CA ALA B 48 11.84 -5.13 29.45
C ALA B 48 10.97 -4.48 30.54
N ASN B 49 10.50 -5.31 31.48
CA ASN B 49 9.60 -4.84 32.54
C ASN B 49 8.37 -4.13 32.01
N GLU B 50 7.65 -4.77 31.08
CA GLU B 50 6.43 -4.20 30.52
C GLU B 50 5.25 -5.15 30.67
N PRO B 51 4.04 -4.59 30.72
CA PRO B 51 2.82 -5.42 30.76
C PRO B 51 2.67 -6.14 29.41
N PRO B 52 1.95 -7.26 29.39
CA PRO B 52 1.70 -7.89 28.09
C PRO B 52 0.85 -6.99 27.18
N VAL B 53 0.97 -7.19 25.87
CA VAL B 53 0.20 -6.39 24.93
C VAL B 53 -1.06 -7.16 24.57
N THR B 54 -2.21 -6.49 24.63
CA THR B 54 -3.47 -7.11 24.24
C THR B 54 -3.78 -6.82 22.78
N ILE B 55 -4.15 -7.86 22.04
CA ILE B 55 -4.47 -7.73 20.62
C ILE B 55 -5.87 -8.26 20.31
N TYR B 56 -6.61 -7.52 19.51
CA TYR B 56 -7.93 -7.94 19.05
C TYR B 56 -7.81 -9.27 18.30
N ASP B 57 -8.71 -10.20 18.59
CA ASP B 57 -8.57 -11.56 18.11
C ASP B 57 -9.90 -12.16 17.64
N PRO B 58 -10.07 -12.35 16.32
CA PRO B 58 -11.27 -12.98 15.76
C PRO B 58 -11.08 -14.47 15.45
N SER B 59 -10.00 -15.09 15.93
CA SER B 59 -9.68 -16.47 15.58
C SER B 59 -10.64 -17.52 16.15
N GLY B 60 -11.27 -17.23 17.28
CA GLY B 60 -12.26 -18.12 17.85
C GLY B 60 -11.66 -19.21 18.72
N PRO B 61 -12.50 -20.15 19.19
CA PRO B 61 -12.06 -21.28 20.01
C PRO B 61 -10.93 -22.09 19.37
N TYR B 62 -10.81 -22.01 18.03
CA TYR B 62 -9.74 -22.71 17.31
C TYR B 62 -8.32 -22.47 17.84
N SER B 63 -8.09 -21.29 18.43
CA SER B 63 -6.79 -20.97 19.01
C SER B 63 -6.78 -21.10 20.55
N ASP B 64 -7.82 -21.70 21.10
CA ASP B 64 -7.86 -22.02 22.52
C ASP B 64 -7.75 -23.53 22.76
N PRO B 65 -6.57 -24.00 23.19
CA PRO B 65 -6.30 -25.42 23.38
C PRO B 65 -7.21 -26.09 24.42
N ALA B 66 -7.89 -25.30 25.25
CA ALA B 66 -8.81 -25.82 26.25
C ALA B 66 -10.12 -26.29 25.63
N ILE B 67 -10.34 -25.92 24.38
CA ILE B 67 -11.60 -26.25 23.72
C ILE B 67 -11.38 -27.27 22.62
N GLN B 68 -12.13 -28.38 22.68
CA GLN B 68 -11.99 -29.41 21.67
C GLN B 68 -12.69 -29.00 20.39
N ILE B 69 -11.97 -29.10 19.28
CA ILE B 69 -12.53 -28.79 17.98
C ILE B 69 -13.04 -30.07 17.34
N ASP B 70 -14.18 -29.97 16.65
CA ASP B 70 -14.71 -31.06 15.86
C ASP B 70 -15.69 -30.47 14.84
N ILE B 71 -15.19 -30.17 13.65
CA ILE B 71 -15.99 -29.48 12.65
C ILE B 71 -17.27 -30.26 12.31
N GLU B 72 -17.22 -31.57 12.54
CA GLU B 72 -18.38 -32.42 12.28
C GLU B 72 -19.51 -32.08 13.24
N LYS B 73 -19.16 -31.58 14.42
CA LYS B 73 -20.16 -31.21 15.42
C LYS B 73 -20.43 -29.71 15.45
N GLY B 74 -19.58 -28.91 14.82
CA GLY B 74 -19.73 -27.47 14.89
C GLY B 74 -19.13 -26.93 16.19
N LEU B 75 -18.95 -25.62 16.25
CA LEU B 75 -18.45 -24.94 17.44
C LEU B 75 -19.49 -24.90 18.55
N PRO B 76 -19.05 -24.69 19.80
CA PRO B 76 -20.00 -24.49 20.89
C PRO B 76 -20.92 -23.31 20.57
N ARG B 77 -22.20 -23.45 20.90
CA ARG B 77 -23.17 -22.39 20.66
C ARG B 77 -23.33 -21.54 21.92
N THR B 78 -22.29 -20.76 22.22
CA THR B 78 -22.17 -20.04 23.47
C THR B 78 -23.02 -18.78 23.50
N ARG B 79 -23.57 -18.41 22.35
CA ARG B 79 -24.44 -17.24 22.27
C ARG B 79 -25.93 -17.61 22.32
N GLU B 80 -26.27 -18.87 22.08
CA GLU B 80 -27.66 -19.29 22.02
C GLU B 80 -28.44 -18.98 23.29
N ALA B 81 -27.84 -19.25 24.44
CA ALA B 81 -28.51 -19.07 25.73
C ALA B 81 -28.86 -17.60 26.02
N LEU B 82 -27.97 -16.69 25.63
CA LEU B 82 -28.18 -15.26 25.84
C LEU B 82 -29.36 -14.75 25.02
N VAL B 83 -29.58 -15.37 23.86
CA VAL B 83 -30.64 -14.95 22.97
C VAL B 83 -32.01 -15.45 23.46
N VAL B 84 -32.09 -16.74 23.77
CA VAL B 84 -33.32 -17.33 24.26
C VAL B 84 -33.79 -16.60 25.52
N ALA B 85 -32.84 -16.25 26.37
CA ALA B 85 -33.13 -15.60 27.65
C ALA B 85 -33.84 -14.25 27.51
N ARG B 86 -33.67 -13.58 26.38
CA ARG B 86 -34.38 -12.32 26.16
C ARG B 86 -35.89 -12.52 25.99
N GLY B 87 -36.30 -13.72 25.59
CA GLY B 87 -37.71 -14.09 25.56
C GLY B 87 -38.52 -13.68 24.35
N ASP B 88 -37.85 -13.36 23.24
CA ASP B 88 -38.56 -12.85 22.07
C ASP B 88 -38.51 -13.78 20.86
N VAL B 89 -37.81 -14.90 21.00
CA VAL B 89 -37.74 -15.88 19.92
C VAL B 89 -38.37 -17.21 20.30
N GLU B 90 -38.95 -17.90 19.32
CA GLU B 90 -39.48 -19.23 19.54
C GLU B 90 -38.92 -20.19 18.51
N GLU B 91 -38.89 -21.47 18.85
CA GLU B 91 -38.40 -22.50 17.94
C GLU B 91 -39.34 -22.70 16.76
N VAL B 92 -38.77 -22.66 15.56
CA VAL B 92 -39.54 -22.86 14.35
C VAL B 92 -40.03 -24.30 14.29
N ALA B 93 -41.35 -24.47 14.24
CA ALA B 93 -41.96 -25.79 14.25
C ALA B 93 -41.41 -26.67 13.13
N ASP B 94 -41.63 -26.25 11.89
CA ASP B 94 -41.14 -27.01 10.74
C ASP B 94 -40.24 -26.15 9.85
N PRO B 95 -38.92 -26.24 10.08
CA PRO B 95 -37.94 -25.46 9.31
C PRO B 95 -37.95 -25.83 7.84
N ARG B 96 -37.55 -24.90 6.98
CA ARG B 96 -37.31 -25.22 5.58
C ARG B 96 -36.20 -26.24 5.45
N GLN B 97 -36.24 -27.06 4.40
CA GLN B 97 -35.18 -28.02 4.13
C GLN B 97 -34.86 -28.13 2.65
N VAL B 98 -33.57 -28.35 2.36
CA VAL B 98 -33.07 -28.35 1.00
C VAL B 98 -32.77 -29.77 0.53
N PRO B 113 -21.44 -33.17 1.09
CA PRO B 113 -22.16 -33.97 2.11
C PRO B 113 -22.98 -33.09 3.05
N GLU B 114 -24.00 -33.67 3.66
CA GLU B 114 -24.81 -32.93 4.62
C GLU B 114 -24.09 -32.78 5.95
N PHE B 115 -24.30 -31.64 6.61
CA PHE B 115 -23.78 -31.43 7.95
C PHE B 115 -24.60 -32.25 8.93
N PRO B 116 -23.93 -33.12 9.71
CA PRO B 116 -24.56 -34.02 10.68
C PRO B 116 -25.67 -33.35 11.49
N GLY B 119 -29.60 -31.52 16.11
CA GLY B 119 -29.29 -31.05 17.45
C GLY B 119 -29.55 -29.57 17.64
N ARG B 120 -29.30 -28.78 16.59
CA ARG B 120 -29.50 -27.34 16.66
C ARG B 120 -30.96 -27.00 16.42
N LYS B 121 -31.57 -26.31 17.38
CA LYS B 121 -32.92 -25.76 17.19
C LYS B 121 -32.84 -24.52 16.32
N ILE B 122 -33.85 -24.33 15.48
CA ILE B 122 -33.94 -23.17 14.61
C ILE B 122 -34.98 -22.20 15.12
N TYR B 123 -34.65 -20.91 15.14
CA TYR B 123 -35.45 -19.89 15.83
C TYR B 123 -36.03 -18.82 14.90
N ARG B 124 -37.07 -18.15 15.40
CA ARG B 124 -37.66 -16.99 14.76
C ARG B 124 -38.35 -16.12 15.82
N ALA B 125 -38.34 -14.81 15.61
CA ALA B 125 -39.07 -13.90 16.48
C ALA B 125 -40.50 -14.37 16.65
N LYS B 126 -41.01 -14.29 17.88
CA LYS B 126 -42.41 -14.57 18.14
C LYS B 126 -43.25 -13.51 17.42
N PRO B 127 -44.45 -13.88 16.95
CA PRO B 127 -45.26 -12.92 16.21
C PRO B 127 -45.51 -11.67 17.05
N GLY B 128 -45.21 -10.49 16.49
CA GLY B 128 -45.41 -9.25 17.20
C GLY B 128 -44.26 -8.84 18.11
N LYS B 129 -43.21 -9.65 18.15
CA LYS B 129 -42.06 -9.36 18.99
C LYS B 129 -40.98 -8.65 18.20
N LEU B 130 -40.07 -7.97 18.90
CA LEU B 130 -38.98 -7.26 18.24
C LEU B 130 -37.65 -7.86 18.68
N VAL B 131 -36.83 -8.26 17.70
CA VAL B 131 -35.60 -9.00 18.00
C VAL B 131 -34.30 -8.37 17.52
N THR B 132 -34.34 -7.28 16.76
CA THR B 132 -33.08 -6.74 16.24
C THR B 132 -32.33 -5.90 17.26
N GLN B 133 -31.01 -5.83 17.11
CA GLN B 133 -30.17 -4.98 17.94
C GLN B 133 -30.58 -3.50 17.84
N LEU B 134 -31.03 -3.10 16.66
CA LEU B 134 -31.50 -1.73 16.45
C LEU B 134 -32.77 -1.49 17.27
N GLU B 135 -33.73 -2.41 17.16
CA GLU B 135 -34.96 -2.30 17.94
C GLU B 135 -34.66 -2.21 19.44
N TYR B 136 -33.88 -3.15 19.95
CA TYR B 136 -33.46 -3.09 21.35
C TYR B 136 -32.82 -1.76 21.74
N ALA B 137 -31.85 -1.31 20.95
CA ALA B 137 -31.15 -0.06 21.24
C ALA B 137 -32.09 1.17 21.28
N ARG B 138 -33.03 1.24 20.36
CA ARG B 138 -33.95 2.37 20.35
C ARG B 138 -34.93 2.33 21.53
N ALA B 139 -35.13 1.13 22.09
CA ALA B 139 -35.98 0.95 23.27
C ALA B 139 -35.26 1.26 24.58
N GLY B 140 -33.98 1.63 24.49
CA GLY B 140 -33.19 1.95 25.66
C GLY B 140 -32.49 0.74 26.29
N ILE B 141 -32.48 -0.37 25.56
CA ILE B 141 -32.02 -1.65 26.11
C ILE B 141 -30.58 -2.01 25.74
N ILE B 142 -29.76 -2.32 26.76
CA ILE B 142 -28.40 -2.82 26.56
C ILE B 142 -28.37 -4.34 26.51
N THR B 143 -28.20 -4.91 25.32
CA THR B 143 -28.20 -6.37 25.15
C THR B 143 -26.84 -6.99 25.45
N ALA B 144 -26.81 -8.31 25.61
CA ALA B 144 -25.56 -9.03 25.86
C ALA B 144 -24.53 -8.79 24.77
N GLU B 145 -24.96 -8.81 23.52
CA GLU B 145 -24.06 -8.52 22.39
C GLU B 145 -23.39 -7.16 22.53
N MET B 146 -24.13 -6.19 23.09
CA MET B 146 -23.63 -4.81 23.23
C MET B 146 -22.56 -4.67 24.29
N GLU B 147 -22.78 -5.30 25.44
CA GLU B 147 -21.70 -5.30 26.44
C GLU B 147 -20.50 -6.05 25.89
N TYR B 148 -20.77 -7.14 25.18
CA TYR B 148 -19.74 -7.99 24.61
C TYR B 148 -18.79 -7.15 23.76
N VAL B 149 -19.39 -6.35 22.88
CA VAL B 149 -18.67 -5.52 21.94
C VAL B 149 -17.88 -4.40 22.64
N ALA B 150 -18.51 -3.78 23.64
CA ALA B 150 -17.87 -2.72 24.40
C ALA B 150 -16.58 -3.24 25.04
N ILE B 151 -16.65 -4.40 25.68
CA ILE B 151 -15.45 -5.04 26.24
C ILE B 151 -14.41 -5.30 25.14
N ARG B 152 -14.86 -5.89 24.04
CA ARG B 152 -13.95 -6.28 22.97
C ARG B 152 -13.20 -5.08 22.41
N GLU B 153 -13.92 -3.97 22.25
CA GLU B 153 -13.37 -2.75 21.64
C GLU B 153 -12.34 -2.01 22.48
N ASN B 154 -12.32 -2.29 23.79
CA ASN B 154 -11.40 -1.60 24.72
C ASN B 154 -10.01 -2.26 24.89
N LEU B 155 -9.87 -3.50 24.43
CA LEU B 155 -8.58 -4.19 24.47
C LEU B 155 -7.97 -4.20 25.88
N ARG B 156 -8.80 -4.40 26.89
CA ARG B 156 -8.36 -4.49 28.29
C ARG B 156 -7.58 -3.27 28.79
N ARG B 157 -7.74 -2.14 28.12
CA ARG B 157 -7.15 -0.88 28.59
C ARG B 157 -7.88 -0.36 29.83
N GLU B 158 -7.12 0.27 30.73
CA GLU B 158 -7.65 0.80 31.98
C GLU B 158 -7.59 2.32 31.89
N GLN B 159 -8.58 3.01 32.46
CA GLN B 159 -8.49 4.47 32.53
C GLN B 159 -7.67 4.88 33.75
N ASP B 160 -6.37 4.58 33.73
CA ASP B 160 -5.50 4.89 34.86
C ASP B 160 -4.45 5.95 34.52
N ARG B 161 -4.30 6.26 33.23
CA ARG B 161 -3.40 7.30 32.79
C ARG B 161 -4.17 8.34 31.99
N PRO B 162 -3.68 9.58 31.96
CA PRO B 162 -4.33 10.63 31.15
C PRO B 162 -4.37 10.18 29.69
N CYS B 163 -5.37 10.63 28.94
CA CYS B 163 -5.56 10.15 27.58
C CYS B 163 -5.42 11.29 26.58
N VAL B 164 -4.25 11.38 25.93
CA VAL B 164 -3.97 12.45 24.98
C VAL B 164 -4.01 11.97 23.54
N ARG B 165 -4.79 12.66 22.71
CA ARG B 165 -5.07 12.20 21.36
C ARG B 165 -4.14 12.80 20.32
N ASP B 166 -3.54 11.93 19.51
CA ASP B 166 -2.72 12.35 18.40
C ASP B 166 -3.27 11.73 17.15
N GLY B 167 -4.05 12.50 16.40
CA GLY B 167 -4.66 11.97 15.19
C GLY B 167 -5.57 12.98 14.52
N GLU B 168 -6.12 12.60 13.38
CA GLU B 168 -7.11 13.41 12.69
C GLU B 168 -8.21 12.47 12.22
N ASP B 169 -9.41 12.60 12.79
CA ASP B 169 -10.46 11.65 12.51
C ASP B 169 -11.61 12.26 11.70
N PHE B 170 -11.38 13.48 11.21
CA PHE B 170 -12.32 14.15 10.31
C PHE B 170 -13.73 14.29 10.87
N GLY B 171 -13.81 14.59 12.17
CA GLY B 171 -15.08 14.85 12.81
C GLY B 171 -15.82 13.61 13.30
N ALA B 172 -15.08 12.57 13.67
CA ALA B 172 -15.70 11.37 14.22
C ALA B 172 -15.87 11.52 15.73
N SER B 173 -16.63 10.60 16.32
CA SER B 173 -16.88 10.65 17.77
C SER B 173 -16.38 9.39 18.46
N ILE B 174 -15.08 9.16 18.39
CA ILE B 174 -14.43 8.04 19.05
C ILE B 174 -14.10 8.42 20.50
N PRO B 175 -14.74 7.74 21.46
CA PRO B 175 -14.50 8.08 22.87
C PRO B 175 -13.11 7.66 23.36
N ASP B 176 -12.71 8.14 24.54
CA ASP B 176 -11.46 7.71 25.14
C ASP B 176 -11.54 6.24 25.53
N PHE B 177 -12.76 5.77 25.75
CA PHE B 177 -13.01 4.44 26.28
C PHE B 177 -14.44 4.08 25.94
N VAL B 178 -14.66 2.89 25.39
CA VAL B 178 -16.02 2.47 24.98
C VAL B 178 -16.83 1.86 26.11
N THR B 179 -18.07 2.33 26.28
CA THR B 179 -18.97 1.79 27.29
C THR B 179 -20.17 1.12 26.60
N PRO B 180 -20.80 0.14 27.27
CA PRO B 180 -21.95 -0.50 26.64
C PRO B 180 -23.01 0.52 26.24
N GLU B 181 -23.16 1.55 27.05
CA GLU B 181 -24.09 2.62 26.74
C GLU B 181 -23.72 3.38 25.45
N PHE B 182 -22.42 3.53 25.19
CA PHE B 182 -21.99 4.14 23.93
C PHE B 182 -22.35 3.26 22.74
N VAL B 183 -22.12 1.96 22.87
CA VAL B 183 -22.47 1.00 21.85
C VAL B 183 -23.94 1.10 21.48
N ARG B 184 -24.81 1.15 22.50
CA ARG B 184 -26.25 1.25 22.25
C ARG B 184 -26.59 2.55 21.54
N GLN B 185 -25.94 3.63 21.94
CA GLN B 185 -26.15 4.94 21.32
C GLN B 185 -25.82 4.92 19.84
N GLU B 186 -24.69 4.30 19.51
CA GLU B 186 -24.25 4.24 18.11
C GLU B 186 -25.22 3.44 17.27
N ILE B 187 -25.61 2.26 17.76
CA ILE B 187 -26.54 1.41 17.03
C ILE B 187 -27.89 2.09 16.84
N ALA B 188 -28.42 2.68 17.91
CA ALA B 188 -29.73 3.30 17.83
C ALA B 188 -29.75 4.41 16.79
N ARG B 189 -28.64 5.14 16.65
CA ARG B 189 -28.59 6.23 15.69
C ARG B 189 -28.28 5.76 14.27
N GLY B 190 -28.02 4.47 14.11
CA GLY B 190 -27.75 3.90 12.80
C GLY B 190 -26.28 4.00 12.39
N ARG B 191 -25.45 4.46 13.32
CA ARG B 191 -24.05 4.73 13.01
C ARG B 191 -23.11 3.53 13.31
N ALA B 192 -23.65 2.50 13.93
CA ALA B 192 -22.93 1.24 14.12
C ALA B 192 -23.88 0.05 13.98
N ILE B 193 -23.35 -1.12 13.66
CA ILE B 193 -24.17 -2.33 13.60
C ILE B 193 -23.44 -3.50 14.24
N ILE B 194 -24.23 -4.44 14.75
CA ILE B 194 -23.72 -5.70 15.24
C ILE B 194 -24.46 -6.80 14.46
N PRO B 195 -23.81 -7.34 13.41
CA PRO B 195 -24.45 -8.40 12.62
C PRO B 195 -24.58 -9.66 13.48
N ALA B 196 -25.79 -10.15 13.68
CA ALA B 196 -26.02 -11.19 14.68
C ALA B 196 -27.34 -11.94 14.53
N ASN B 197 -27.45 -12.73 13.47
CA ASN B 197 -28.62 -13.59 13.28
C ASN B 197 -28.88 -14.38 14.56
N ILE B 198 -30.14 -14.44 14.99
CA ILE B 198 -30.51 -15.25 16.16
C ILE B 198 -30.21 -16.74 15.97
N ASN B 199 -29.94 -17.15 14.73
CA ASN B 199 -29.70 -18.54 14.39
C ASN B 199 -28.22 -18.90 14.21
N HIS B 200 -27.34 -17.95 14.51
CA HIS B 200 -25.90 -18.18 14.53
C HIS B 200 -25.43 -18.18 15.98
N GLY B 201 -25.75 -19.25 16.70
CA GLY B 201 -25.45 -19.38 18.11
C GLY B 201 -23.94 -19.43 18.39
N GLU B 202 -23.18 -19.72 17.35
CA GLU B 202 -21.72 -19.90 17.43
C GLU B 202 -20.96 -18.57 17.49
N LEU B 203 -21.66 -17.49 17.14
CA LEU B 203 -21.04 -16.20 16.92
C LEU B 203 -20.35 -15.63 18.15
N GLU B 204 -19.20 -15.00 17.91
CA GLU B 204 -18.57 -14.10 18.87
C GLU B 204 -18.86 -12.68 18.37
N PRO B 205 -19.78 -11.96 19.05
CA PRO B 205 -20.26 -10.64 18.60
C PRO B 205 -19.16 -9.62 18.29
N MET B 206 -19.30 -8.93 17.15
CA MET B 206 -18.43 -7.81 16.83
C MET B 206 -19.27 -6.62 16.36
N ALA B 207 -18.68 -5.43 16.35
CA ALA B 207 -19.36 -4.24 15.88
C ALA B 207 -18.67 -3.64 14.66
N ILE B 208 -19.47 -3.09 13.75
CA ILE B 208 -18.98 -2.36 12.61
C ILE B 208 -19.46 -0.92 12.71
N GLY B 209 -18.52 0.03 12.66
CA GLY B 209 -18.86 1.43 12.72
C GLY B 209 -17.64 2.33 12.78
N ARG B 210 -17.79 3.55 12.28
CA ARG B 210 -16.68 4.51 12.20
C ARG B 210 -16.05 4.81 13.56
N ASN B 211 -16.86 4.77 14.61
CA ASN B 211 -16.36 5.17 15.92
C ASN B 211 -15.77 4.01 16.72
N PHE B 212 -15.53 2.91 16.01
CA PHE B 212 -14.89 1.73 16.56
C PHE B 212 -13.65 1.40 15.72
N LEU B 213 -12.96 0.32 16.05
CA LEU B 213 -11.82 -0.11 15.24
C LEU B 213 -12.27 -0.49 13.84
N VAL B 214 -11.44 -0.18 12.85
CA VAL B 214 -11.70 -0.56 11.46
C VAL B 214 -11.65 -2.08 11.28
N LYS B 215 -12.74 -2.66 10.78
CA LYS B 215 -12.84 -4.12 10.62
C LYS B 215 -12.50 -4.51 9.18
N ILE B 216 -12.25 -5.79 8.94
CA ILE B 216 -11.98 -6.24 7.58
C ILE B 216 -12.71 -7.55 7.28
N ASN B 217 -12.97 -7.79 6.00
CA ASN B 217 -13.69 -8.98 5.54
C ASN B 217 -12.86 -9.85 4.60
N ALA B 218 -12.95 -11.16 4.80
CA ALA B 218 -12.37 -12.14 3.89
C ALA B 218 -13.45 -12.84 3.07
N ASN B 219 -13.23 -12.90 1.75
CA ASN B 219 -14.12 -13.63 0.87
C ASN B 219 -13.63 -15.05 0.63
N ILE B 220 -14.54 -15.99 0.80
CA ILE B 220 -14.30 -17.42 0.60
C ILE B 220 -15.30 -17.90 -0.46
N GLY B 221 -15.14 -19.12 -0.97
CA GLY B 221 -16.10 -19.69 -1.90
C GLY B 221 -15.62 -19.78 -3.35
N ASN B 222 -15.96 -20.88 -4.01
CA ASN B 222 -15.62 -21.04 -5.42
C ASN B 222 -16.65 -20.40 -6.35
N THR B 228 -14.22 -29.10 -2.61
CA THR B 228 -14.21 -29.81 -1.34
C THR B 228 -14.70 -28.93 -0.19
N VAL B 229 -15.39 -29.56 0.76
CA VAL B 229 -15.86 -28.87 1.97
C VAL B 229 -14.70 -28.49 2.89
N ALA B 230 -13.72 -29.38 2.98
CA ALA B 230 -12.55 -29.16 3.82
C ALA B 230 -11.81 -27.89 3.40
N ASP B 231 -11.63 -27.73 2.09
CA ASP B 231 -10.93 -26.57 1.54
C ASP B 231 -11.57 -25.27 2.02
N GLU B 232 -12.90 -25.21 1.97
CA GLU B 232 -13.60 -23.99 2.34
C GLU B 232 -13.61 -23.73 3.84
N VAL B 233 -13.84 -24.77 4.64
CA VAL B 233 -13.74 -24.65 6.09
C VAL B 233 -12.32 -24.25 6.48
N ASP B 234 -11.36 -24.86 5.79
CA ASP B 234 -9.95 -24.54 5.98
C ASP B 234 -9.71 -23.05 5.76
N LYS B 235 -10.16 -22.52 4.63
CA LYS B 235 -9.93 -21.12 4.33
C LYS B 235 -10.64 -20.25 5.36
N LEU B 236 -11.81 -20.71 5.79
CA LEU B 236 -12.51 -20.04 6.88
C LEU B 236 -11.64 -19.91 8.15
N VAL B 237 -11.08 -21.03 8.59
CA VAL B 237 -10.26 -21.06 9.81
C VAL B 237 -8.96 -20.28 9.64
N TRP B 238 -8.31 -20.46 8.50
CA TRP B 238 -7.10 -19.72 8.15
C TRP B 238 -7.34 -18.21 8.15
N ALA B 239 -8.39 -17.79 7.43
CA ALA B 239 -8.72 -16.37 7.31
C ALA B 239 -8.92 -15.71 8.67
N THR B 240 -9.77 -16.28 9.52
CA THR B 240 -10.00 -15.73 10.85
C THR B 240 -8.81 -15.89 11.80
N ARG B 241 -7.97 -16.90 11.57
CA ARG B 241 -6.77 -17.07 12.37
C ARG B 241 -5.87 -15.83 12.28
N TRP B 242 -5.77 -15.27 11.07
CA TRP B 242 -4.89 -14.12 10.83
C TRP B 242 -5.56 -12.77 10.96
N GLY B 243 -6.85 -12.76 11.33
CA GLY B 243 -7.50 -11.53 11.71
C GLY B 243 -8.72 -11.07 10.93
N ALA B 244 -9.26 -11.90 10.05
CA ALA B 244 -10.46 -11.51 9.32
C ALA B 244 -11.61 -11.34 10.32
N ASP B 245 -12.29 -10.19 10.27
CA ASP B 245 -13.37 -9.91 11.23
C ASP B 245 -14.73 -10.46 10.78
N THR B 246 -14.96 -10.50 9.47
CA THR B 246 -16.10 -11.23 8.94
C THR B 246 -15.66 -12.06 7.74
N VAL B 247 -16.47 -13.06 7.40
CA VAL B 247 -16.22 -13.88 6.22
C VAL B 247 -17.49 -14.00 5.40
N MET B 248 -17.37 -13.87 4.08
CA MET B 248 -18.52 -14.06 3.21
C MET B 248 -18.34 -15.30 2.36
N ASP B 249 -19.38 -16.12 2.32
CA ASP B 249 -19.38 -17.31 1.47
C ASP B 249 -19.95 -17.01 0.09
N LEU B 250 -19.07 -16.78 -0.87
CA LEU B 250 -19.49 -16.36 -2.20
C LEU B 250 -19.63 -17.54 -3.16
N SER B 251 -19.90 -18.71 -2.62
CA SER B 251 -20.00 -19.93 -3.42
C SER B 251 -21.08 -19.81 -4.49
N THR B 252 -20.79 -20.36 -5.66
CA THR B 252 -21.77 -20.51 -6.71
C THR B 252 -21.81 -21.99 -7.08
N GLY B 253 -22.62 -22.35 -8.06
CA GLY B 253 -22.66 -23.72 -8.52
C GLY B 253 -23.46 -24.65 -7.64
N ARG B 254 -23.06 -25.91 -7.61
CA ARG B 254 -23.86 -26.96 -6.98
C ARG B 254 -23.63 -27.10 -5.47
N ASN B 255 -24.72 -27.30 -4.74
CA ASN B 255 -24.68 -27.59 -3.31
C ASN B 255 -24.06 -26.49 -2.47
N ILE B 256 -24.50 -25.25 -2.68
CA ILE B 256 -23.96 -24.16 -1.88
C ILE B 256 -24.70 -24.05 -0.55
N HIS B 257 -25.90 -24.63 -0.48
CA HIS B 257 -26.61 -24.69 0.80
C HIS B 257 -25.86 -25.57 1.80
N ASN B 258 -25.66 -26.83 1.45
CA ASN B 258 -24.93 -27.76 2.31
C ASN B 258 -23.53 -27.26 2.62
N ILE B 259 -22.85 -26.77 1.59
CA ILE B 259 -21.53 -26.16 1.78
C ILE B 259 -21.59 -25.15 2.92
N ARG B 260 -22.54 -24.22 2.84
CA ARG B 260 -22.61 -23.12 3.78
C ARG B 260 -22.95 -23.54 5.21
N ASP B 261 -23.64 -24.68 5.36
CA ASP B 261 -23.87 -25.24 6.69
C ASP B 261 -22.54 -25.47 7.39
N TRP B 262 -21.59 -26.03 6.65
CA TRP B 262 -20.31 -26.39 7.22
C TRP B 262 -19.55 -25.15 7.68
N ILE B 263 -19.64 -24.08 6.90
CA ILE B 263 -18.97 -22.85 7.25
C ILE B 263 -19.60 -22.16 8.45
N ILE B 264 -20.90 -21.92 8.40
CA ILE B 264 -21.58 -21.19 9.48
C ILE B 264 -21.46 -21.88 10.83
N ARG B 265 -21.77 -23.18 10.88
CA ARG B 265 -21.72 -23.92 12.14
C ARG B 265 -20.32 -23.90 12.75
N ASN B 266 -19.30 -23.76 11.91
CA ASN B 266 -17.92 -23.77 12.38
C ASN B 266 -17.27 -22.38 12.40
N SER B 267 -18.08 -21.34 12.27
CA SER B 267 -17.59 -19.96 12.28
C SER B 267 -17.92 -19.20 13.57
N SER B 268 -16.93 -18.52 14.14
CA SER B 268 -17.17 -17.65 15.29
C SER B 268 -17.29 -16.17 14.89
N VAL B 269 -16.93 -15.85 13.65
CA VAL B 269 -17.09 -14.49 13.13
C VAL B 269 -18.41 -14.39 12.37
N PRO B 270 -18.89 -13.16 12.11
CA PRO B 270 -20.14 -13.06 11.33
C PRO B 270 -19.97 -13.58 9.91
N ILE B 271 -21.03 -14.19 9.38
CA ILE B 271 -20.97 -14.76 8.04
C ILE B 271 -21.94 -14.06 7.10
N GLY B 272 -21.44 -13.58 5.97
CA GLY B 272 -22.27 -12.88 5.01
C GLY B 272 -22.42 -13.63 3.70
N THR B 273 -23.40 -13.23 2.89
CA THR B 273 -23.64 -13.88 1.60
C THR B 273 -24.24 -12.87 0.63
N VAL B 274 -24.28 -13.23 -0.65
CA VAL B 274 -25.03 -12.50 -1.66
C VAL B 274 -26.16 -13.42 -2.16
N PRO B 275 -27.35 -13.35 -1.52
CA PRO B 275 -28.43 -14.31 -1.75
C PRO B 275 -28.78 -14.53 -3.23
N ILE B 276 -28.60 -13.52 -4.08
CA ILE B 276 -28.94 -13.67 -5.50
C ILE B 276 -28.08 -14.73 -6.19
N TYR B 277 -26.91 -15.03 -5.64
CA TYR B 277 -26.03 -16.05 -6.21
C TYR B 277 -26.73 -17.41 -6.20
N GLN B 278 -27.26 -17.79 -5.04
CA GLN B 278 -27.95 -19.08 -4.91
C GLN B 278 -29.25 -19.07 -5.69
N ALA B 279 -30.01 -17.98 -5.57
CA ALA B 279 -31.27 -17.84 -6.29
C ALA B 279 -31.07 -18.05 -7.79
N LEU B 280 -29.96 -17.53 -8.32
CA LEU B 280 -29.66 -17.70 -9.74
C LEU B 280 -29.47 -19.16 -10.08
N GLU B 281 -28.82 -19.89 -9.17
CA GLU B 281 -28.57 -21.32 -9.36
C GLU B 281 -29.86 -22.12 -9.43
N LYS B 282 -30.80 -21.80 -8.56
CA LYS B 282 -32.10 -22.46 -8.58
C LYS B 282 -32.73 -22.37 -9.96
N VAL B 283 -32.48 -21.27 -10.68
CA VAL B 283 -33.03 -21.12 -12.02
C VAL B 283 -32.00 -21.42 -13.10
N ASN B 284 -31.11 -22.37 -12.81
CA ASN B 284 -30.12 -22.85 -13.76
C ASN B 284 -29.32 -21.76 -14.46
N GLY B 285 -28.96 -20.71 -13.74
CA GLY B 285 -28.04 -19.71 -14.25
C GLY B 285 -28.62 -18.77 -15.28
N VAL B 286 -29.96 -18.66 -15.30
CA VAL B 286 -30.64 -17.78 -16.25
C VAL B 286 -31.21 -16.54 -15.53
N ALA B 287 -30.52 -15.41 -15.66
CA ALA B 287 -30.93 -14.19 -14.96
C ALA B 287 -32.39 -13.83 -15.24
N GLU B 288 -32.80 -14.00 -16.50
CA GLU B 288 -34.14 -13.69 -16.97
C GLU B 288 -35.21 -14.41 -16.16
N ASP B 289 -34.90 -15.63 -15.76
CA ASP B 289 -35.88 -16.52 -15.14
C ASP B 289 -35.94 -16.34 -13.63
N LEU B 290 -35.13 -15.42 -13.12
CA LEU B 290 -35.17 -15.07 -11.70
C LEU B 290 -36.51 -14.43 -11.36
N ASN B 291 -36.95 -14.62 -10.13
CA ASN B 291 -38.21 -14.02 -9.67
C ASN B 291 -38.22 -13.82 -8.17
N TRP B 292 -39.25 -13.15 -7.67
CA TRP B 292 -39.36 -12.90 -6.24
C TRP B 292 -39.53 -14.17 -5.39
N GLU B 293 -40.30 -15.13 -5.89
CA GLU B 293 -40.53 -16.36 -5.13
C GLU B 293 -39.24 -17.11 -4.81
N VAL B 294 -38.37 -17.25 -5.81
CA VAL B 294 -37.14 -18.00 -5.60
C VAL B 294 -36.23 -17.23 -4.66
N PHE B 295 -36.17 -15.92 -4.86
CA PHE B 295 -35.33 -15.07 -4.02
C PHE B 295 -35.84 -15.10 -2.57
N ARG B 296 -37.15 -15.05 -2.41
CA ARG B 296 -37.75 -15.13 -1.08
C ARG B 296 -37.40 -16.45 -0.39
N ASP B 297 -37.64 -17.55 -1.09
CA ASP B 297 -37.34 -18.85 -0.51
C ASP B 297 -35.89 -18.91 -0.05
N THR B 298 -34.99 -18.34 -0.85
CA THR B 298 -33.56 -18.36 -0.55
C THR B 298 -33.26 -17.59 0.72
N LEU B 299 -33.91 -16.44 0.89
CA LEU B 299 -33.73 -15.60 2.07
C LEU B 299 -34.14 -16.36 3.32
N ILE B 300 -35.34 -16.92 3.32
CA ILE B 300 -35.80 -17.71 4.44
C ILE B 300 -34.83 -18.84 4.78
N GLU B 301 -34.36 -19.54 3.75
CA GLU B 301 -33.43 -20.64 3.96
C GLU B 301 -32.13 -20.17 4.61
N GLN B 302 -31.65 -19.01 4.20
CA GLN B 302 -30.38 -18.51 4.70
C GLN B 302 -30.54 -17.87 6.07
N CYS B 303 -31.74 -17.37 6.35
CA CYS B 303 -32.04 -16.80 7.65
C CYS B 303 -32.04 -17.87 8.73
N GLU B 304 -32.67 -19.00 8.41
CA GLU B 304 -32.75 -20.10 9.37
C GLU B 304 -31.39 -20.79 9.53
N GLN B 305 -30.55 -20.65 8.51
CA GLN B 305 -29.20 -21.19 8.53
C GLN B 305 -28.27 -20.41 9.49
N GLY B 306 -28.57 -19.13 9.71
CA GLY B 306 -27.74 -18.32 10.57
C GLY B 306 -26.89 -17.25 9.88
N VAL B 307 -27.09 -17.06 8.59
CA VAL B 307 -26.40 -15.95 7.88
C VAL B 307 -26.66 -14.59 8.55
N ASP B 308 -25.58 -13.85 8.85
CA ASP B 308 -25.68 -12.60 9.62
C ASP B 308 -25.93 -11.34 8.79
N TYR B 309 -25.45 -11.33 7.55
CA TYR B 309 -25.78 -10.22 6.66
C TYR B 309 -25.91 -10.62 5.21
N PHE B 310 -26.79 -9.92 4.49
CA PHE B 310 -26.99 -10.17 3.08
C PHE B 310 -26.53 -8.97 2.28
N THR B 311 -25.67 -9.19 1.30
CA THR B 311 -25.45 -8.15 0.30
C THR B 311 -26.65 -8.19 -0.62
N ILE B 312 -27.30 -7.05 -0.80
CA ILE B 312 -28.46 -6.97 -1.69
C ILE B 312 -28.40 -5.74 -2.59
N HIS B 313 -28.33 -5.98 -3.89
CA HIS B 313 -28.14 -4.90 -4.87
C HIS B 313 -29.47 -4.26 -5.27
N ALA B 314 -30.17 -3.70 -4.30
CA ALA B 314 -31.51 -3.17 -4.54
C ALA B 314 -31.47 -1.82 -5.23
N GLY B 315 -30.28 -1.24 -5.32
CA GLY B 315 -30.10 0.08 -5.90
C GLY B 315 -29.77 0.10 -7.37
N VAL B 316 -29.66 -1.08 -7.99
CA VAL B 316 -29.49 -1.15 -9.44
C VAL B 316 -30.83 -0.91 -10.13
N ARG B 317 -31.21 0.36 -10.29
CA ARG B 317 -32.50 0.68 -10.89
C ARG B 317 -32.44 0.72 -12.42
N LEU B 318 -33.57 0.44 -13.05
CA LEU B 318 -33.68 0.37 -14.51
C LEU B 318 -33.04 1.56 -15.25
N PRO B 319 -33.36 2.79 -14.82
CA PRO B 319 -32.83 3.97 -15.54
C PRO B 319 -31.35 4.27 -15.24
N PHE B 320 -30.76 3.59 -14.26
CA PHE B 320 -29.33 3.81 -13.97
C PHE B 320 -28.47 2.97 -14.86
N ILE B 321 -29.05 1.93 -15.48
CA ILE B 321 -28.25 0.99 -16.28
C ILE B 321 -27.64 1.63 -17.54
N PRO B 322 -28.44 2.40 -18.30
CA PRO B 322 -27.87 3.04 -19.49
C PRO B 322 -26.76 4.05 -19.16
N MET B 323 -26.66 4.51 -17.91
CA MET B 323 -25.57 5.40 -17.50
C MET B 323 -24.23 4.68 -17.54
N THR B 324 -24.26 3.36 -17.66
CA THR B 324 -23.03 2.59 -17.64
C THR B 324 -22.52 2.20 -19.04
N ALA B 325 -23.35 2.42 -20.06
CA ALA B 325 -22.97 2.05 -21.43
C ALA B 325 -21.68 2.73 -21.88
N LYS B 326 -21.47 3.96 -21.42
CA LYS B 326 -20.31 4.75 -21.83
C LYS B 326 -19.05 4.47 -20.98
N ARG B 327 -19.23 3.76 -19.87
CA ARG B 327 -18.11 3.40 -19.00
C ARG B 327 -16.99 2.71 -19.76
N VAL B 328 -15.78 2.79 -19.21
CA VAL B 328 -14.65 2.05 -19.76
C VAL B 328 -14.77 0.55 -19.47
N THR B 329 -15.33 0.17 -18.31
CA THR B 329 -15.43 -1.24 -17.95
C THR B 329 -16.85 -1.72 -17.60
N GLY B 330 -17.86 -0.98 -18.04
CA GLY B 330 -19.25 -1.34 -17.79
C GLY B 330 -19.64 -1.65 -16.35
N ILE B 331 -20.48 -2.68 -16.19
CA ILE B 331 -20.88 -3.15 -14.88
C ILE B 331 -20.01 -4.35 -14.49
N VAL B 332 -19.22 -4.20 -13.43
CA VAL B 332 -18.30 -5.24 -13.00
C VAL B 332 -18.81 -6.10 -11.82
N SER B 333 -19.74 -5.56 -11.03
CA SER B 333 -20.33 -6.31 -9.91
C SER B 333 -21.04 -7.56 -10.42
N ARG B 334 -20.82 -8.70 -9.75
CA ARG B 334 -21.51 -9.92 -10.13
C ARG B 334 -23.01 -9.75 -9.91
N GLY B 335 -23.40 -9.48 -8.67
CA GLY B 335 -24.79 -9.27 -8.34
C GLY B 335 -25.46 -8.16 -9.14
N GLY B 336 -24.71 -7.09 -9.42
CA GLY B 336 -25.22 -6.00 -10.23
C GLY B 336 -25.49 -6.43 -11.66
N SER B 337 -24.56 -7.17 -12.26
CA SER B 337 -24.73 -7.70 -13.61
C SER B 337 -25.97 -8.55 -13.72
N ILE B 338 -26.25 -9.32 -12.67
CA ILE B 338 -27.38 -10.24 -12.73
C ILE B 338 -28.70 -9.47 -12.72
N MET B 339 -28.82 -8.52 -11.80
CA MET B 339 -30.02 -7.69 -11.73
C MET B 339 -30.22 -6.90 -13.03
N ALA B 340 -29.15 -6.30 -13.54
CA ALA B 340 -29.22 -5.52 -14.76
C ALA B 340 -29.73 -6.36 -15.92
N LYS B 341 -29.28 -7.61 -16.00
CA LYS B 341 -29.74 -8.53 -17.05
C LYS B 341 -31.23 -8.79 -16.93
N TRP B 342 -31.72 -8.92 -15.69
CA TRP B 342 -33.13 -9.16 -15.44
C TRP B 342 -33.95 -7.91 -15.84
N CYS B 343 -33.54 -6.75 -15.32
CA CYS B 343 -34.21 -5.50 -15.64
C CYS B 343 -34.33 -5.28 -17.14
N LEU B 344 -33.25 -5.53 -17.86
CA LEU B 344 -33.22 -5.30 -19.31
C LEU B 344 -34.09 -6.28 -20.09
N ALA B 345 -34.14 -7.53 -19.66
CA ALA B 345 -34.92 -8.54 -20.37
C ALA B 345 -36.43 -8.29 -20.21
N HIS B 346 -36.82 -7.71 -19.08
CA HIS B 346 -38.22 -7.49 -18.76
C HIS B 346 -38.62 -6.03 -18.94
N HIS B 347 -37.63 -5.17 -19.07
CA HIS B 347 -37.83 -3.72 -19.11
C HIS B 347 -38.66 -3.20 -17.94
N LYS B 348 -38.33 -3.66 -16.72
CA LYS B 348 -39.06 -3.27 -15.53
C LYS B 348 -38.09 -2.95 -14.39
N GLU B 349 -38.59 -2.22 -13.39
CA GLU B 349 -37.79 -1.85 -12.23
C GLU B 349 -37.29 -3.06 -11.43
N ASN B 350 -36.01 -3.02 -11.09
CA ASN B 350 -35.38 -4.00 -10.21
C ASN B 350 -36.33 -4.51 -9.13
N PHE B 351 -36.67 -5.79 -9.16
CA PHE B 351 -37.68 -6.32 -8.23
C PHE B 351 -37.20 -6.37 -6.78
N LEU B 352 -35.90 -6.33 -6.57
CA LEU B 352 -35.37 -6.24 -5.22
C LEU B 352 -35.69 -4.85 -4.69
N TYR B 353 -35.56 -3.86 -5.55
CA TYR B 353 -35.98 -2.51 -5.22
C TYR B 353 -37.50 -2.46 -5.04
N GLU B 354 -38.23 -3.16 -5.89
CA GLU B 354 -39.68 -3.17 -5.84
C GLU B 354 -40.22 -3.78 -4.53
N ARG B 355 -39.73 -4.96 -4.18
CA ARG B 355 -40.18 -5.63 -2.97
C ARG B 355 -39.33 -5.27 -1.74
N PHE B 356 -38.76 -4.07 -1.68
CA PHE B 356 -37.80 -3.79 -0.60
C PHE B 356 -38.41 -3.92 0.80
N ASP B 357 -39.67 -3.56 0.93
CA ASP B 357 -40.37 -3.67 2.21
C ASP B 357 -40.57 -5.12 2.63
N GLU B 358 -40.84 -5.98 1.65
CA GLU B 358 -41.08 -7.38 1.96
C GLU B 358 -39.76 -8.06 2.34
N ILE B 359 -38.67 -7.65 1.72
CA ILE B 359 -37.34 -8.11 2.15
C ILE B 359 -37.09 -7.77 3.63
N CYS B 360 -37.42 -6.54 4.02
CA CYS B 360 -37.22 -6.06 5.40
C CYS B 360 -38.04 -6.85 6.43
N GLU B 361 -39.26 -7.23 6.04
CA GLU B 361 -40.15 -7.96 6.93
C GLU B 361 -39.59 -9.35 7.25
N ILE B 362 -38.80 -9.90 6.33
CA ILE B 362 -38.18 -11.18 6.56
C ILE B 362 -36.95 -11.08 7.46
N MET B 363 -36.07 -10.13 7.15
CA MET B 363 -34.78 -10.03 7.80
C MET B 363 -34.89 -9.64 9.27
N ARG B 364 -35.85 -8.76 9.57
CA ARG B 364 -36.09 -8.34 10.95
C ARG B 364 -36.61 -9.46 11.84
N ALA B 365 -37.06 -10.57 11.25
CA ALA B 365 -37.59 -11.68 12.05
C ALA B 365 -36.48 -12.56 12.63
N TYR B 366 -35.28 -12.41 12.07
CA TYR B 366 -34.12 -13.19 12.49
C TYR B 366 -32.95 -12.28 12.92
N ASP B 367 -33.13 -10.97 12.72
CA ASP B 367 -32.06 -9.97 12.86
C ASP B 367 -30.90 -10.19 11.90
N VAL B 368 -31.19 -10.20 10.60
CA VAL B 368 -30.16 -10.18 9.58
C VAL B 368 -29.92 -8.73 9.18
N SER B 369 -28.66 -8.34 9.01
CA SER B 369 -28.32 -6.97 8.64
C SER B 369 -28.27 -6.79 7.13
N PHE B 370 -28.62 -5.60 6.66
CA PHE B 370 -28.49 -5.26 5.25
C PHE B 370 -27.07 -4.83 4.95
N SER B 371 -26.51 -5.36 3.88
CA SER B 371 -25.34 -4.75 3.29
C SER B 371 -25.78 -4.34 1.90
N LEU B 372 -26.18 -3.09 1.76
CA LEU B 372 -26.71 -2.58 0.50
C LEU B 372 -25.58 -2.48 -0.51
N GLY B 373 -25.72 -3.25 -1.60
CA GLY B 373 -24.62 -3.47 -2.52
C GLY B 373 -24.42 -2.36 -3.51
N ASP B 374 -23.19 -2.24 -4.02
CA ASP B 374 -22.92 -1.32 -5.11
C ASP B 374 -22.86 -2.09 -6.44
N GLY B 375 -24.04 -2.35 -7.00
CA GLY B 375 -24.14 -2.99 -8.29
C GLY B 375 -23.40 -2.20 -9.37
N LEU B 376 -23.32 -0.89 -9.18
CA LEU B 376 -22.74 -0.01 -10.21
C LEU B 376 -21.39 0.55 -9.79
N ARG B 377 -20.62 -0.20 -9.01
CA ARG B 377 -19.32 0.30 -8.59
C ARG B 377 -18.35 0.40 -9.77
N PRO B 378 -17.34 1.28 -9.67
CA PRO B 378 -16.34 1.44 -10.74
C PRO B 378 -15.42 0.23 -10.81
N GLY B 379 -15.23 -0.30 -12.01
CA GLY B 379 -14.30 -1.38 -12.24
C GLY B 379 -12.97 -0.85 -12.77
N SER B 380 -12.88 0.47 -12.88
CA SER B 380 -11.68 1.12 -13.40
C SER B 380 -11.64 2.54 -12.91
N THR B 381 -10.44 3.11 -12.76
CA THR B 381 -10.32 4.47 -12.25
C THR B 381 -11.00 5.49 -13.15
N ALA B 382 -11.04 5.22 -14.46
CA ALA B 382 -11.78 6.08 -15.38
C ALA B 382 -13.26 6.22 -14.99
N ASP B 383 -13.83 5.18 -14.39
CA ASP B 383 -15.27 5.17 -14.13
C ASP B 383 -15.63 5.66 -12.72
N ALA B 384 -14.61 6.06 -11.95
CA ALA B 384 -14.82 6.39 -10.55
C ALA B 384 -15.68 7.63 -10.31
N ASN B 385 -16.58 7.55 -9.34
CA ASN B 385 -17.40 8.69 -8.94
C ASN B 385 -18.27 9.21 -10.07
N ASP B 386 -18.56 8.36 -11.05
CA ASP B 386 -19.40 8.78 -12.17
C ASP B 386 -20.88 8.80 -11.79
N GLU B 387 -21.72 9.17 -12.75
CA GLU B 387 -23.14 9.33 -12.50
C GLU B 387 -23.83 8.04 -12.02
N ALA B 388 -23.62 6.96 -12.73
CA ALA B 388 -24.13 5.65 -12.32
C ALA B 388 -23.78 5.34 -10.85
N GLN B 389 -22.50 5.43 -10.50
CA GLN B 389 -22.10 5.07 -9.13
C GLN B 389 -22.82 5.92 -8.08
N PHE B 390 -22.83 7.23 -8.30
CA PHE B 390 -23.45 8.15 -7.34
C PHE B 390 -24.98 8.08 -7.31
N SER B 391 -25.60 7.79 -8.45
CA SER B 391 -27.05 7.69 -8.48
C SER B 391 -27.48 6.52 -7.60
N GLU B 392 -26.82 5.38 -7.79
CA GLU B 392 -27.05 4.23 -6.92
C GLU B 392 -26.79 4.57 -5.45
N LEU B 393 -25.72 5.30 -5.17
CA LEU B 393 -25.35 5.63 -3.79
C LEU B 393 -26.46 6.37 -3.06
N ARG B 394 -26.96 7.42 -3.70
CA ARG B 394 -28.05 8.22 -3.15
C ARG B 394 -29.33 7.40 -2.98
N THR B 395 -29.56 6.46 -3.89
CA THR B 395 -30.67 5.53 -3.74
C THR B 395 -30.49 4.63 -2.52
N LEU B 396 -29.26 4.18 -2.29
CA LEU B 396 -28.93 3.38 -1.10
C LEU B 396 -29.26 4.12 0.20
N GLY B 397 -28.99 5.43 0.22
CA GLY B 397 -29.34 6.24 1.38
C GLY B 397 -30.84 6.26 1.63
N GLU B 398 -31.62 6.40 0.57
CA GLU B 398 -33.07 6.37 0.68
C GLU B 398 -33.52 5.03 1.29
N LEU B 399 -32.99 3.95 0.75
CA LEU B 399 -33.37 2.60 1.19
C LEU B 399 -32.93 2.35 2.61
N THR B 400 -31.85 3.00 3.01
CA THR B 400 -31.38 2.98 4.39
C THR B 400 -32.49 3.39 5.35
N LYS B 401 -33.15 4.50 5.06
CA LYS B 401 -34.22 4.99 5.93
C LYS B 401 -35.43 4.05 5.94
N VAL B 402 -35.71 3.42 4.81
CA VAL B 402 -36.79 2.43 4.78
C VAL B 402 -36.42 1.22 5.61
N ALA B 403 -35.16 0.80 5.53
CA ALA B 403 -34.69 -0.32 6.34
C ALA B 403 -34.83 0.01 7.83
N TRP B 404 -34.38 1.19 8.22
CA TRP B 404 -34.48 1.62 9.62
C TRP B 404 -35.91 1.65 10.14
N LYS B 405 -36.85 2.07 9.29
CA LYS B 405 -38.26 2.09 9.66
C LYS B 405 -38.77 0.70 10.07
N HIS B 406 -38.29 -0.33 9.37
CA HIS B 406 -38.64 -1.70 9.71
C HIS B 406 -37.76 -2.24 10.83
N GLY B 407 -36.83 -1.42 11.31
CA GLY B 407 -35.96 -1.80 12.40
C GLY B 407 -34.83 -2.74 12.01
N VAL B 408 -34.41 -2.66 10.74
CA VAL B 408 -33.33 -3.50 10.23
C VAL B 408 -32.01 -2.73 10.13
N GLN B 409 -30.94 -3.31 10.66
CA GLN B 409 -29.62 -2.67 10.65
C GLN B 409 -29.04 -2.62 9.23
N VAL B 410 -28.24 -1.60 8.94
CA VAL B 410 -27.72 -1.41 7.59
C VAL B 410 -26.25 -0.96 7.55
N MET B 411 -25.52 -1.42 6.55
CA MET B 411 -24.28 -0.78 6.13
C MET B 411 -24.29 -0.68 4.61
N ILE B 412 -23.48 0.24 4.09
CA ILE B 412 -23.50 0.58 2.68
C ILE B 412 -22.22 0.08 2.04
N GLU B 413 -22.34 -0.53 0.87
CA GLU B 413 -21.15 -1.01 0.17
C GLU B 413 -20.62 0.02 -0.82
N GLY B 414 -19.30 0.13 -0.88
CA GLY B 414 -18.62 1.10 -1.73
C GLY B 414 -17.63 0.47 -2.69
N PRO B 415 -16.92 1.31 -3.47
CA PRO B 415 -15.98 0.92 -4.54
C PRO B 415 -14.72 0.21 -4.00
N GLY B 416 -13.92 -0.40 -4.87
CA GLY B 416 -14.03 -0.25 -6.31
C GLY B 416 -12.68 0.27 -6.76
N HIS B 417 -12.62 0.81 -7.98
CA HIS B 417 -11.38 1.40 -8.49
C HIS B 417 -11.48 2.92 -8.41
N VAL B 418 -10.64 3.54 -7.59
CA VAL B 418 -10.72 4.97 -7.37
C VAL B 418 -9.34 5.58 -7.19
N ALA B 419 -8.95 6.47 -8.09
CA ALA B 419 -7.69 7.18 -7.93
C ALA B 419 -7.73 8.01 -6.64
N MET B 420 -6.56 8.26 -6.05
CA MET B 420 -6.46 8.82 -4.70
C MET B 420 -7.18 10.15 -4.52
N HIS B 421 -7.14 11.01 -5.54
CA HIS B 421 -7.73 12.35 -5.40
C HIS B 421 -9.26 12.32 -5.35
N LYS B 422 -9.85 11.16 -5.63
CA LYS B 422 -11.31 11.04 -5.60
C LYS B 422 -11.85 10.29 -4.37
N ILE B 423 -10.97 9.88 -3.46
CA ILE B 423 -11.39 8.99 -2.37
C ILE B 423 -12.11 9.76 -1.28
N LYS B 424 -11.57 10.92 -0.94
CA LYS B 424 -12.23 11.79 0.03
C LYS B 424 -13.65 12.12 -0.45
N ALA B 425 -13.78 12.42 -1.75
CA ALA B 425 -15.08 12.74 -2.32
C ALA B 425 -16.09 11.58 -2.22
N ASN B 426 -15.61 10.36 -2.40
CA ASN B 426 -16.44 9.17 -2.15
C ASN B 426 -17.00 9.16 -0.74
N MET B 427 -16.13 9.41 0.23
CA MET B 427 -16.51 9.37 1.62
C MET B 427 -17.54 10.44 1.99
N ASP B 428 -17.34 11.65 1.47
CA ASP B 428 -18.25 12.78 1.75
C ASP B 428 -19.65 12.57 1.17
N GLU B 429 -19.71 11.91 0.01
CA GLU B 429 -20.99 11.64 -0.63
C GLU B 429 -21.77 10.61 0.17
N GLN B 430 -21.05 9.61 0.68
CA GLN B 430 -21.68 8.56 1.46
C GLN B 430 -22.20 9.10 2.79
N LEU B 431 -21.34 9.83 3.51
CA LEU B 431 -21.70 10.38 4.81
C LEU B 431 -22.96 11.23 4.76
N LYS B 432 -23.01 12.11 3.77
CA LYS B 432 -24.17 12.96 3.53
C LYS B 432 -25.40 12.17 3.10
N HIS B 433 -25.28 11.42 2.02
CA HIS B 433 -26.44 10.75 1.41
C HIS B 433 -26.91 9.48 2.11
N CYS B 434 -26.09 8.93 3.01
CA CYS B 434 -26.46 7.69 3.69
C CYS B 434 -26.59 7.81 5.20
N HIS B 435 -26.67 9.03 5.69
CA HIS B 435 -27.09 9.27 7.06
C HIS B 435 -26.13 8.68 8.08
N GLU B 436 -24.85 8.62 7.71
CA GLU B 436 -23.79 8.16 8.61
C GLU B 436 -23.81 6.66 8.88
N ALA B 437 -24.64 5.92 8.14
CA ALA B 437 -24.61 4.46 8.19
C ALA B 437 -23.19 3.97 7.89
N PRO B 438 -22.80 2.82 8.45
CA PRO B 438 -21.43 2.32 8.23
C PRO B 438 -21.11 2.07 6.75
N PHE B 439 -19.88 2.36 6.35
CA PHE B 439 -19.45 2.20 4.96
C PHE B 439 -18.53 0.99 4.85
N TYR B 440 -18.70 0.21 3.79
CA TYR B 440 -18.01 -1.06 3.62
C TYR B 440 -17.43 -1.16 2.20
N THR B 441 -16.11 -0.97 2.07
CA THR B 441 -15.49 -0.80 0.76
C THR B 441 -14.65 -1.97 0.28
N LEU B 442 -14.54 -2.08 -1.04
CA LEU B 442 -13.69 -3.06 -1.70
C LEU B 442 -12.45 -2.33 -2.22
N GLY B 443 -11.44 -2.18 -1.38
CA GLY B 443 -10.32 -1.33 -1.71
C GLY B 443 -10.61 0.04 -1.13
N PRO B 444 -10.57 1.08 -1.98
CA PRO B 444 -10.43 0.96 -3.43
C PRO B 444 -9.01 0.70 -3.96
N LEU B 445 -8.95 0.08 -5.14
CA LEU B 445 -7.73 0.03 -5.94
C LEU B 445 -7.47 1.43 -6.45
N THR B 446 -6.23 1.90 -6.32
CA THR B 446 -5.90 3.28 -6.67
C THR B 446 -5.25 3.38 -8.04
N THR B 447 -5.05 2.23 -8.70
CA THR B 447 -4.56 2.20 -10.08
C THR B 447 -4.88 0.84 -10.68
N ASP B 448 -5.04 0.80 -12.00
CA ASP B 448 -5.43 -0.42 -12.70
C ASP B 448 -4.27 -1.22 -13.31
N ILE B 449 -3.06 -0.69 -13.23
CA ILE B 449 -1.96 -1.21 -14.03
C ILE B 449 -1.08 -2.26 -13.37
N ALA B 450 -1.53 -2.84 -12.26
CA ALA B 450 -0.69 -3.79 -11.54
C ALA B 450 -1.39 -5.09 -11.11
N PRO B 451 -1.89 -5.87 -12.09
CA PRO B 451 -2.48 -7.17 -11.77
C PRO B 451 -1.40 -8.09 -11.20
N GLY B 452 -1.76 -8.85 -10.16
CA GLY B 452 -0.79 -9.62 -9.42
C GLY B 452 -0.45 -8.97 -8.10
N TYR B 453 -0.62 -7.65 -8.01
CA TYR B 453 -0.27 -6.90 -6.80
C TYR B 453 -1.45 -6.07 -6.34
N ASP B 454 -2.65 -6.46 -6.73
CA ASP B 454 -3.83 -5.66 -6.45
C ASP B 454 -4.13 -5.56 -4.96
N HIS B 455 -3.58 -6.47 -4.16
CA HIS B 455 -3.70 -6.32 -2.71
C HIS B 455 -2.96 -5.05 -2.28
N ILE B 456 -1.88 -4.73 -2.99
CA ILE B 456 -1.10 -3.52 -2.69
C ILE B 456 -1.74 -2.24 -3.23
N THR B 457 -2.18 -2.25 -4.49
CA THR B 457 -2.86 -1.08 -5.02
C THR B 457 -4.11 -0.76 -4.19
N SER B 458 -4.71 -1.79 -3.62
CA SER B 458 -5.96 -1.60 -2.87
C SER B 458 -5.69 -1.25 -1.40
N ALA B 459 -4.57 -1.72 -0.86
CA ALA B 459 -4.20 -1.38 0.51
C ALA B 459 -4.01 0.12 0.65
N ILE B 460 -3.40 0.73 -0.37
CA ILE B 460 -3.27 2.19 -0.39
C ILE B 460 -4.62 2.87 -0.22
N GLY B 461 -5.58 2.52 -1.09
CA GLY B 461 -6.90 3.09 -1.07
C GLY B 461 -7.66 2.71 0.20
N ALA B 462 -7.51 1.47 0.64
CA ALA B 462 -8.21 1.00 1.83
C ALA B 462 -7.77 1.73 3.10
N ALA B 463 -6.47 1.95 3.26
CA ALA B 463 -5.99 2.65 4.45
C ALA B 463 -6.51 4.08 4.51
N MET B 464 -6.53 4.76 3.37
CA MET B 464 -6.96 6.16 3.30
C MET B 464 -8.45 6.31 3.59
N ILE B 465 -9.27 5.49 2.95
CA ILE B 465 -10.72 5.65 3.07
C ILE B 465 -11.18 5.26 4.48
N GLY B 466 -10.48 4.32 5.10
CA GLY B 466 -10.71 3.98 6.49
C GLY B 466 -10.36 5.17 7.38
N TRP B 467 -9.29 5.87 7.00
CA TRP B 467 -8.89 7.06 7.73
C TRP B 467 -10.01 8.10 7.66
N PHE B 468 -10.63 8.19 6.49
CA PHE B 468 -11.68 9.17 6.22
C PHE B 468 -13.01 8.78 6.86
N GLY B 469 -13.10 7.54 7.32
CA GLY B 469 -14.24 7.13 8.11
C GLY B 469 -14.91 5.82 7.70
N THR B 470 -14.27 5.06 6.82
CA THR B 470 -14.86 3.80 6.40
C THR B 470 -14.78 2.75 7.52
N ALA B 471 -15.87 2.03 7.75
CA ALA B 471 -15.99 1.17 8.92
C ALA B 471 -15.49 -0.27 8.68
N MET B 472 -15.69 -0.78 7.49
CA MET B 472 -15.16 -2.10 7.15
C MET B 472 -14.52 -2.15 5.77
N LEU B 473 -13.45 -2.93 5.67
CA LEU B 473 -12.70 -3.05 4.43
C LEU B 473 -12.76 -4.48 3.90
N CYS B 474 -13.35 -4.67 2.74
CA CYS B 474 -13.33 -5.98 2.13
C CYS B 474 -11.97 -6.21 1.45
N TYR B 475 -11.35 -7.36 1.70
CA TYR B 475 -9.97 -7.55 1.23
C TYR B 475 -9.84 -7.81 -0.27
N VAL B 476 -8.62 -7.68 -0.76
CA VAL B 476 -8.31 -8.00 -2.16
C VAL B 476 -7.05 -8.83 -2.10
N THR B 477 -7.01 -9.95 -2.82
CA THR B 477 -5.82 -10.79 -2.81
C THR B 477 -5.00 -10.56 -4.08
N PRO B 478 -3.77 -11.06 -4.12
CA PRO B 478 -2.93 -10.92 -5.32
C PRO B 478 -3.56 -11.57 -6.55
N LYS B 479 -4.46 -12.53 -6.34
CA LYS B 479 -5.08 -13.23 -7.45
C LYS B 479 -6.24 -12.45 -8.05
N GLU B 480 -6.50 -11.27 -7.51
CA GLU B 480 -7.57 -10.42 -8.01
C GLU B 480 -7.38 -10.15 -9.51
N HIS B 481 -8.47 -10.31 -10.28
CA HIS B 481 -8.47 -10.11 -11.73
C HIS B 481 -7.87 -11.27 -12.51
N LEU B 482 -7.46 -12.34 -11.83
CA LEU B 482 -6.68 -13.38 -12.48
C LEU B 482 -7.09 -14.81 -12.16
N GLY B 483 -7.32 -15.11 -10.89
CA GLY B 483 -7.63 -16.47 -10.50
C GLY B 483 -8.28 -16.58 -9.14
N LEU B 484 -8.35 -17.81 -8.67
CA LEU B 484 -8.93 -18.10 -7.37
C LEU B 484 -7.82 -18.12 -6.32
N PRO B 485 -8.07 -17.46 -5.18
CA PRO B 485 -7.14 -17.44 -4.04
C PRO B 485 -6.99 -18.80 -3.37
N ASP B 486 -5.75 -19.25 -3.21
CA ASP B 486 -5.48 -20.41 -2.35
C ASP B 486 -5.23 -19.88 -0.95
N ARG B 487 -5.00 -20.76 0.02
CA ARG B 487 -4.94 -20.32 1.41
C ARG B 487 -3.75 -19.39 1.68
N ASP B 488 -2.79 -19.35 0.77
CA ASP B 488 -1.66 -18.44 0.93
C ASP B 488 -2.02 -17.04 0.46
N ASP B 489 -2.88 -16.98 -0.56
CA ASP B 489 -3.37 -15.72 -1.08
C ASP B 489 -4.36 -15.09 -0.11
N VAL B 490 -5.17 -15.94 0.52
CA VAL B 490 -6.07 -15.53 1.58
C VAL B 490 -5.29 -14.87 2.72
N LYS B 491 -4.25 -15.53 3.20
CA LYS B 491 -3.46 -14.98 4.30
C LYS B 491 -2.83 -13.64 3.92
N THR B 492 -2.20 -13.60 2.75
CA THR B 492 -1.58 -12.37 2.28
C THR B 492 -2.59 -11.24 2.27
N GLY B 493 -3.77 -11.50 1.71
CA GLY B 493 -4.85 -10.53 1.71
C GLY B 493 -5.25 -10.08 3.10
N VAL B 494 -5.41 -11.02 4.02
CA VAL B 494 -5.85 -10.69 5.37
C VAL B 494 -4.82 -9.83 6.11
N ILE B 495 -3.55 -10.23 6.04
CA ILE B 495 -2.48 -9.48 6.67
C ILE B 495 -2.39 -8.06 6.10
N THR B 496 -2.55 -7.95 4.78
CA THR B 496 -2.49 -6.65 4.11
C THR B 496 -3.58 -5.70 4.62
N TYR B 497 -4.78 -6.25 4.81
CA TYR B 497 -5.90 -5.46 5.25
C TYR B 497 -5.92 -5.20 6.75
N LYS B 498 -5.27 -6.08 7.51
CA LYS B 498 -5.11 -5.83 8.93
C LYS B 498 -4.19 -4.65 9.14
N LEU B 499 -3.11 -4.59 8.35
CA LEU B 499 -2.17 -3.48 8.50
C LEU B 499 -2.76 -2.19 7.92
N ALA B 500 -3.56 -2.33 6.87
CA ALA B 500 -4.28 -1.19 6.32
C ALA B 500 -5.28 -0.67 7.35
N ALA B 501 -6.08 -1.56 7.91
CA ALA B 501 -7.04 -1.16 8.95
C ALA B 501 -6.35 -0.51 10.15
N HIS B 502 -5.25 -1.10 10.59
CA HIS B 502 -4.52 -0.54 11.73
C HIS B 502 -3.87 0.80 11.39
N ALA B 503 -3.33 0.95 10.19
CA ALA B 503 -2.79 2.25 9.80
C ALA B 503 -3.87 3.33 9.92
N ALA B 504 -5.11 2.96 9.59
CA ALA B 504 -6.23 3.89 9.65
C ALA B 504 -6.59 4.22 11.11
N ASP B 505 -6.65 3.20 11.97
CA ASP B 505 -6.90 3.43 13.39
C ASP B 505 -5.88 4.40 13.97
N LEU B 506 -4.63 4.26 13.53
CA LEU B 506 -3.53 5.03 14.09
C LEU B 506 -3.63 6.49 13.65
N ALA B 507 -3.88 6.69 12.37
CA ALA B 507 -4.00 8.03 11.81
C ALA B 507 -5.20 8.75 12.39
N LYS B 508 -6.20 7.98 12.81
CA LYS B 508 -7.44 8.55 13.34
C LYS B 508 -7.25 8.99 14.79
N GLY B 509 -6.13 8.58 15.37
CA GLY B 509 -5.87 8.81 16.78
C GLY B 509 -6.66 7.88 17.69
N HIS B 510 -7.07 6.74 17.18
CA HIS B 510 -7.79 5.78 18.01
C HIS B 510 -7.00 5.54 19.30
N PRO B 511 -7.67 5.64 20.44
CA PRO B 511 -7.01 5.58 21.76
C PRO B 511 -6.18 4.31 21.98
N GLY B 512 -6.50 3.23 21.28
CA GLY B 512 -5.83 1.98 21.54
C GLY B 512 -4.81 1.57 20.50
N ALA B 513 -4.64 2.38 19.47
CA ALA B 513 -3.80 1.96 18.34
C ALA B 513 -2.29 2.03 18.62
N ALA B 514 -1.87 3.11 19.26
CA ALA B 514 -0.45 3.42 19.37
C ALA B 514 0.33 2.62 20.43
N MET B 515 -0.36 1.98 21.37
CA MET B 515 0.29 1.08 22.33
C MET B 515 0.95 -0.09 21.59
N TRP B 516 0.30 -0.53 20.54
CA TRP B 516 0.82 -1.64 19.76
C TRP B 516 2.09 -1.20 19.01
N ASP B 517 2.00 -0.09 18.28
CA ASP B 517 3.16 0.39 17.51
C ASP B 517 4.33 0.74 18.41
N ASP B 518 4.03 1.22 19.60
CA ASP B 518 5.08 1.68 20.49
C ASP B 518 5.76 0.50 21.16
N ALA B 519 4.96 -0.52 21.46
CA ALA B 519 5.46 -1.77 22.00
C ALA B 519 6.45 -2.39 21.04
N ILE B 520 6.08 -2.51 19.76
CA ILE B 520 6.98 -3.12 18.78
C ILE B 520 8.23 -2.25 18.55
N SER B 521 8.06 -0.93 18.54
CA SER B 521 9.18 0.01 18.36
C SER B 521 10.18 0.04 19.53
N ARG B 522 9.70 -0.11 20.77
CA ARG B 522 10.61 -0.23 21.90
C ARG B 522 11.41 -1.54 21.83
N ALA B 523 10.81 -2.58 21.25
CA ALA B 523 11.49 -3.86 21.06
C ALA B 523 12.57 -3.76 19.99
N ARG B 524 12.25 -3.05 18.91
CA ARG B 524 13.21 -2.73 17.87
C ARG B 524 14.41 -2.00 18.49
N PHE B 525 14.11 -1.01 19.33
CA PHE B 525 15.16 -0.15 19.89
C PHE B 525 16.14 -0.90 20.76
N GLU B 526 15.62 -1.86 21.52
CA GLU B 526 16.40 -2.58 22.53
C GLU B 526 16.95 -3.88 21.98
N PHE B 527 16.73 -4.11 20.69
CA PHE B 527 17.19 -5.32 20.04
C PHE B 527 16.59 -6.58 20.67
N ARG B 528 15.38 -6.44 21.19
CA ARG B 528 14.59 -7.58 21.62
C ARG B 528 13.93 -8.21 20.38
N TRP B 529 14.72 -8.97 19.64
CA TRP B 529 14.27 -9.45 18.33
C TRP B 529 13.04 -10.34 18.42
N GLU B 530 13.00 -11.20 19.44
CA GLU B 530 11.88 -12.13 19.60
C GLU B 530 10.57 -11.41 19.92
N ASP B 531 10.62 -10.43 20.81
CA ASP B 531 9.46 -9.59 21.11
C ASP B 531 8.96 -8.86 19.87
N GLN B 532 9.89 -8.38 19.04
CA GLN B 532 9.51 -7.73 17.80
C GLN B 532 8.77 -8.69 16.86
N PHE B 533 9.26 -9.93 16.74
CA PHE B 533 8.58 -10.89 15.90
C PHE B 533 7.21 -11.18 16.50
N ASN B 534 7.18 -11.46 17.80
CA ASN B 534 5.93 -11.91 18.43
C ASN B 534 4.85 -10.84 18.43
N LEU B 535 5.26 -9.57 18.32
CA LEU B 535 4.32 -8.46 18.29
C LEU B 535 3.82 -8.10 16.88
N GLY B 536 4.31 -8.81 15.88
CA GLY B 536 3.99 -8.48 14.50
C GLY B 536 2.73 -9.17 14.05
N LEU B 537 2.08 -8.62 13.02
CA LEU B 537 0.88 -9.24 12.46
C LEU B 537 1.12 -10.67 12.04
N ASP B 538 2.34 -10.99 11.61
CA ASP B 538 2.69 -12.34 11.16
C ASP B 538 4.04 -12.80 11.73
N PRO B 539 4.04 -13.26 13.00
CA PRO B 539 5.30 -13.56 13.70
C PRO B 539 6.23 -14.56 13.01
N GLU B 540 5.71 -15.67 12.50
CA GLU B 540 6.60 -16.69 11.97
C GLU B 540 7.26 -16.28 10.64
N THR B 541 6.60 -15.43 9.86
CA THR B 541 7.18 -14.92 8.64
C THR B 541 8.34 -13.97 8.95
N ALA B 542 8.14 -13.12 9.95
CA ALA B 542 9.15 -12.17 10.38
C ALA B 542 10.41 -12.85 10.93
N ARG B 543 10.21 -13.83 11.81
CA ARG B 543 11.31 -14.60 12.39
C ARG B 543 12.11 -15.32 11.30
N LYS B 544 11.38 -15.90 10.35
CA LYS B 544 12.00 -16.62 9.23
C LYS B 544 12.87 -15.70 8.35
N PHE B 545 12.33 -14.53 7.99
CA PHE B 545 13.07 -13.56 7.18
C PHE B 545 14.30 -13.03 7.92
N HIS B 546 14.22 -12.94 9.24
CA HIS B 546 15.34 -12.41 10.01
C HIS B 546 16.54 -13.37 9.99
#